data_5F7U
#
_entry.id   5F7U
#
_cell.length_a   168.222
_cell.length_b   100.894
_cell.length_c   71.812
_cell.angle_alpha   90.00
_cell.angle_beta   104.01
_cell.angle_gamma   90.00
#
_symmetry.space_group_name_H-M   'C 1 2 1'
#
loop_
_entity.id
_entity.type
_entity.pdbx_description
1 polymer 'Cycloalternan-forming enzyme'
2 branched alpha-D-glucopyranose-(1-6)-alpha-D-glucopyranose-(1-3)-[alpha-D-glucopyranose-(1-6)]alpha-D-glucopyranose
3 branched alpha-D-glucopyranose-(1-6)-alpha-D-glucopyranose
4 branched alpha-D-glucopyranose-(1-4)-alpha-D-glucopyranose
5 branched alpha-D-glucopyranose-(1-6)-alpha-D-glucopyranose-(1-4)-alpha-D-glucopyranose
6 non-polymer 'MAGNESIUM ION'
7 water water
#
_entity_poly.entity_id   1
_entity_poly.type   'polypeptide(L)'
_entity_poly.pdbx_seq_one_letter_code
;SNAMDGEYHSPYGDDDLYTVQPTERSPRDPKAGEDVILNITTWPIENGQDVWVEWTKNGVAQENVTAAYDYNSGNNTYWK
ADLGKFEKGDEITYTTKGSTNGGTAYESGPFTFYVTDWEYVQDVTSVVDNGDSITLNMTATAGDFSPKLYLSFEDLDTLR
MELSPTGKETGHAGKSGYTVEDTAEKVTVTTEDLSIEIQKSPYRMEVHQADGTLLTSEYTTANSLGWLTDGKNVINQYQN
NFMTPSDEAFYGFGERYDTINQRGKDVETYVYNEYQDQAQTERTYLAVPFFVSANKYGMYVNSDFHSQFQMASKVEDKYS
FVLDNDGDMTNMLDYYVISGKDQNDIVNNYTDITGKTTLLPKWAFGLWMSANEWDRESDVSSALSNAKANDIPATGFVLE
QWSDEETYYIWNNATYTAKKNGEAFSYDDFTFNGKWTDPKGMVDSVHDAGMNIVLWQVPVLKDDGTVYEQRDNDEEYMIS
QGYSADDGTGAPYRVPASQWFGNGILLDFTNKDAVDWWTSQREYLLTEVGIDGFKTNGGEMVWGRDTTFSNGEKGQEMRN
RYPTDYVSSYFDFAKSINPEAVSFSRSGTSGAQKSGIYWSGDQTSTFDSFQASLKAGLSASTSGVSYWAWDMAGFTGDYP
TAELYKRATAMAAFAPIMQFHSEKSDPSPSEERSPWNAVARTGDETILPTFQKYLYTRMNLLPYIYTAAKDTADNGKSMM
RQMAMDYPEDVNARDLDEQYMFGDDLLVAPIVQEGQTEKEVYLPEGEWVDIWNGGVHPGGETISYYADVDTLPVFAKAGA
IIPMNMTDGYQLGQNVGNDLKSYDNLTFRVYPSGDSEYSFYDDVNGGEMRDISVSEDFANEKVSVDLPAMADETTMQVFS
TEPTSVTIDGADVAKADTLDAFNEATTGYYYDTVQNLTYVKAAAKDAKQAIVLNGVNHAPYEAEFGHLTNVTTASDHAGY
TGTGFVAGFDAEKEAVEFDIDAVDGASDYTMEVRYSAGVEDATRTVYINGKKQQITLPKTANWDTWNTVEVPVTLQAGNN
QVVFDFEADDTAGINFDHVVIKK
;
_entity_poly.pdbx_strand_id   A
#
loop_
_chem_comp.id
_chem_comp.type
_chem_comp.name
_chem_comp.formula
GLC D-saccharide, alpha linking alpha-D-glucopyranose 'C6 H12 O6'
MG non-polymer 'MAGNESIUM ION' 'Mg 2'
#
# COMPACT_ATOMS: atom_id res chain seq x y z
N ASP A 5 44.38 5.23 -27.97
CA ASP A 5 43.36 5.43 -29.02
C ASP A 5 42.06 6.08 -28.53
N GLY A 6 42.06 6.60 -27.31
CA GLY A 6 40.97 7.49 -26.93
C GLY A 6 41.08 8.24 -25.62
N GLU A 7 40.11 9.13 -25.42
CA GLU A 7 39.94 9.91 -24.21
C GLU A 7 38.44 9.99 -23.95
N TYR A 8 38.04 10.09 -22.68
CA TYR A 8 36.64 10.25 -22.34
C TYR A 8 36.40 10.92 -20.99
N HIS A 9 35.50 11.91 -21.01
CA HIS A 9 34.96 12.51 -19.80
C HIS A 9 33.49 12.82 -20.11
N SER A 10 32.62 12.61 -19.13
CA SER A 10 31.20 12.92 -19.29
C SER A 10 30.72 13.34 -17.90
N PRO A 11 30.40 14.63 -17.73
CA PRO A 11 30.33 15.20 -16.36
C PRO A 11 29.29 14.56 -15.44
N TYR A 12 28.16 14.14 -16.00
CA TYR A 12 27.11 13.55 -15.15
C TYR A 12 27.09 12.03 -15.11
N GLY A 13 27.89 11.37 -15.95
CA GLY A 13 27.86 9.90 -16.06
C GLY A 13 26.46 9.44 -16.46
N ASP A 14 25.93 8.45 -15.75
CA ASP A 14 24.55 8.04 -15.97
C ASP A 14 23.57 8.83 -15.10
N ASP A 15 24.08 9.84 -14.39
CA ASP A 15 23.29 10.64 -13.43
C ASP A 15 22.66 9.76 -12.32
N ASP A 16 23.33 8.68 -11.97
CA ASP A 16 22.79 7.78 -10.95
C ASP A 16 22.83 8.49 -9.59
N LEU A 17 21.77 8.34 -8.80
CA LEU A 17 21.74 8.98 -7.47
C LEU A 17 22.78 8.37 -6.52
N TYR A 18 23.01 7.07 -6.67
CA TYR A 18 23.71 6.30 -5.63
C TYR A 18 25.17 6.07 -5.94
N THR A 19 25.52 6.12 -7.23
CA THR A 19 26.89 5.80 -7.66
C THR A 19 27.38 6.82 -8.68
N VAL A 20 28.70 6.80 -8.93
CA VAL A 20 29.24 7.61 -10.02
C VAL A 20 29.96 6.71 -11.00
N GLN A 21 29.95 7.11 -12.28
CA GLN A 21 30.89 6.58 -13.26
C GLN A 21 32.27 7.18 -12.98
N PRO A 22 33.35 6.52 -13.44
CA PRO A 22 34.69 6.98 -13.03
C PRO A 22 35.25 8.16 -13.86
N THR A 23 34.40 8.78 -14.66
CA THR A 23 34.82 9.86 -15.57
C THR A 23 33.87 11.06 -15.50
N GLU A 24 33.36 11.32 -14.30
CA GLU A 24 32.38 12.39 -14.05
C GLU A 24 33.05 13.66 -13.52
N ARG A 25 32.27 14.72 -13.44
CA ARG A 25 32.65 15.94 -12.74
C ARG A 25 32.11 15.88 -11.32
N SER A 26 32.90 16.33 -10.35
CA SER A 26 32.45 16.33 -8.96
C SER A 26 32.75 17.68 -8.32
N PRO A 27 31.74 18.37 -7.74
CA PRO A 27 30.32 18.02 -7.81
C PRO A 27 29.77 18.10 -9.22
N ARG A 28 28.69 17.37 -9.50
CA ARG A 28 28.06 17.43 -10.83
C ARG A 28 27.61 18.87 -11.15
N ASP A 29 26.96 19.52 -10.18
CA ASP A 29 26.41 20.87 -10.35
C ASP A 29 27.05 21.74 -9.27
N PRO A 30 28.21 22.35 -9.57
CA PRO A 30 28.98 23.09 -8.55
C PRO A 30 28.25 24.32 -8.04
N LYS A 31 28.26 24.48 -6.72
CA LYS A 31 27.80 25.67 -6.05
C LYS A 31 29.01 26.56 -5.72
N ALA A 32 28.74 27.81 -5.36
CA ALA A 32 29.78 28.75 -4.94
C ALA A 32 30.71 28.15 -3.87
N GLY A 33 32.01 28.35 -4.04
CA GLY A 33 33.02 27.91 -3.07
C GLY A 33 33.35 26.42 -3.08
N GLU A 34 32.76 25.66 -3.97
CA GLU A 34 33.03 24.21 -4.09
C GLU A 34 34.14 23.94 -5.09
N ASP A 35 35.16 23.21 -4.65
CA ASP A 35 36.22 22.77 -5.53
C ASP A 35 35.70 21.79 -6.60
N VAL A 36 36.04 22.05 -7.86
CA VAL A 36 35.50 21.28 -9.00
C VAL A 36 36.60 20.38 -9.56
N ILE A 37 36.35 19.08 -9.50
CA ILE A 37 37.27 18.07 -10.03
C ILE A 37 36.68 17.41 -11.26
N LEU A 38 37.52 17.23 -12.28
CA LEU A 38 37.14 16.49 -13.49
C LEU A 38 37.89 15.18 -13.57
N ASN A 39 37.13 14.09 -13.62
CA ASN A 39 37.71 12.76 -13.79
C ASN A 39 37.70 12.37 -15.27
N ILE A 40 38.88 12.06 -15.78
CA ILE A 40 39.07 11.83 -17.23
C ILE A 40 39.79 10.50 -17.45
N THR A 41 39.41 9.74 -18.48
CA THR A 41 40.14 8.50 -18.80
C THR A 41 40.78 8.58 -20.17
N THR A 42 41.92 7.90 -20.29
CA THR A 42 42.55 7.68 -21.61
C THR A 42 42.88 6.19 -21.72
N TRP A 43 43.02 5.72 -22.95
CA TRP A 43 43.42 4.34 -23.21
C TRP A 43 44.16 4.28 -24.55
N PRO A 44 45.06 3.32 -24.76
CA PRO A 44 45.50 2.36 -23.75
C PRO A 44 46.49 3.02 -22.77
N ILE A 45 46.91 2.26 -21.74
CA ILE A 45 47.94 2.74 -20.82
C ILE A 45 49.25 2.85 -21.58
N GLU A 46 49.81 4.06 -21.56
CA GLU A 46 51.05 4.37 -22.28
C GLU A 46 51.84 5.41 -21.51
N ASN A 47 53.17 5.32 -21.57
CA ASN A 47 54.02 6.44 -21.15
C ASN A 47 53.89 7.59 -22.14
N GLY A 48 54.09 8.82 -21.68
CA GLY A 48 54.11 9.97 -22.57
C GLY A 48 52.72 10.50 -22.91
N GLN A 49 51.72 10.09 -22.14
CA GLN A 49 50.39 10.64 -22.28
C GLN A 49 50.27 11.94 -21.51
N ASP A 50 49.62 12.94 -22.12
CA ASP A 50 49.28 14.19 -21.47
C ASP A 50 47.78 14.36 -21.50
N VAL A 51 47.22 14.82 -20.39
CA VAL A 51 45.79 15.13 -20.29
C VAL A 51 45.67 16.51 -19.70
N TRP A 52 44.85 17.33 -20.34
CA TRP A 52 44.70 18.71 -19.94
C TRP A 52 43.30 19.21 -20.24
N VAL A 53 42.99 20.39 -19.68
CA VAL A 53 41.66 20.97 -19.83
C VAL A 53 41.83 22.37 -20.43
N GLU A 54 41.11 22.62 -21.51
CA GLU A 54 41.01 23.93 -22.12
C GLU A 54 39.67 24.52 -21.75
N TRP A 55 39.65 25.78 -21.31
CA TRP A 55 38.44 26.28 -20.66
C TRP A 55 38.35 27.79 -20.60
N THR A 56 37.12 28.26 -20.42
CA THR A 56 36.82 29.68 -20.27
C THR A 56 36.03 29.89 -18.99
N LYS A 57 36.20 31.07 -18.39
CA LYS A 57 35.39 31.48 -17.25
C LYS A 57 34.78 32.81 -17.63
N ASN A 58 33.45 32.86 -17.64
CA ASN A 58 32.70 34.06 -18.05
C ASN A 58 33.14 34.57 -19.42
N GLY A 59 33.39 33.61 -20.32
CA GLY A 59 33.81 33.87 -21.68
C GLY A 59 35.29 34.14 -21.88
N VAL A 60 36.07 34.21 -20.80
CA VAL A 60 37.50 34.58 -20.86
C VAL A 60 38.33 33.31 -20.81
N ALA A 61 39.18 33.11 -21.82
CA ALA A 61 40.06 31.96 -21.87
C ALA A 61 40.99 31.94 -20.66
N GLN A 62 41.06 30.79 -20.00
CA GLN A 62 41.90 30.57 -18.83
C GLN A 62 43.15 29.82 -19.22
N GLU A 63 44.18 29.82 -18.36
CA GLU A 63 45.33 28.96 -18.58
C GLU A 63 44.86 27.51 -18.44
N ASN A 64 45.35 26.67 -19.36
CA ASN A 64 45.01 25.23 -19.35
C ASN A 64 45.28 24.64 -17.98
N VAL A 65 44.45 23.69 -17.57
CA VAL A 65 44.68 22.93 -16.34
C VAL A 65 45.26 21.58 -16.75
N THR A 66 46.39 21.22 -16.16
CA THR A 66 47.04 19.96 -16.49
C THR A 66 46.46 18.93 -15.52
N ALA A 67 46.02 17.78 -16.03
CA ALA A 67 45.49 16.73 -15.16
C ALA A 67 46.60 15.90 -14.52
N ALA A 68 46.30 15.32 -13.37
CA ALA A 68 47.21 14.50 -12.59
C ALA A 68 46.82 13.03 -12.72
N TYR A 69 47.81 12.13 -12.81
CA TYR A 69 47.55 10.68 -12.77
C TYR A 69 46.77 10.32 -11.51
N ASP A 70 45.72 9.53 -11.65
CA ASP A 70 44.97 9.07 -10.49
C ASP A 70 45.28 7.59 -10.23
N TYR A 71 44.83 6.72 -11.13
CA TYR A 71 45.12 5.28 -11.07
C TYR A 71 45.00 4.70 -12.46
N ASN A 72 45.59 3.52 -12.64
CA ASN A 72 45.34 2.70 -13.81
C ASN A 72 44.39 1.58 -13.47
N SER A 73 43.51 1.22 -14.39
CA SER A 73 42.68 0.02 -14.23
C SER A 73 42.29 -0.54 -15.59
N GLY A 74 42.45 -1.84 -15.77
CA GLY A 74 42.18 -2.49 -17.05
C GLY A 74 43.04 -1.91 -18.16
N ASN A 75 42.37 -1.49 -19.23
CA ASN A 75 43.04 -0.89 -20.40
C ASN A 75 43.26 0.63 -20.28
N ASN A 76 42.94 1.21 -19.11
CA ASN A 76 42.76 2.66 -18.98
C ASN A 76 43.58 3.33 -17.88
N THR A 77 43.92 4.59 -18.14
CA THR A 77 44.43 5.49 -17.11
C THR A 77 43.35 6.49 -16.74
N TYR A 78 43.24 6.78 -15.45
CA TYR A 78 42.27 7.74 -14.93
C TYR A 78 43.04 8.89 -14.34
N TRP A 79 42.56 10.08 -14.64
CA TRP A 79 43.22 11.34 -14.33
C TRP A 79 42.25 12.29 -13.63
N LYS A 80 42.80 13.16 -12.77
CA LYS A 80 42.01 14.21 -12.11
C LYS A 80 42.53 15.59 -12.49
N ALA A 81 41.62 16.42 -12.99
CA ALA A 81 41.92 17.82 -13.27
C ALA A 81 41.17 18.69 -12.28
N ASP A 82 41.89 19.58 -11.60
CA ASP A 82 41.31 20.43 -10.56
C ASP A 82 41.10 21.84 -11.09
N LEU A 83 39.83 22.25 -11.25
CA LEU A 83 39.51 23.58 -11.76
C LEU A 83 39.49 24.66 -10.69
N GLY A 84 39.56 24.24 -9.43
CA GLY A 84 39.43 25.15 -8.31
C GLY A 84 37.97 25.45 -7.98
N LYS A 85 37.78 26.50 -7.19
CA LYS A 85 36.45 26.93 -6.72
C LYS A 85 35.98 28.15 -7.48
N PHE A 86 34.67 28.39 -7.46
CA PHE A 86 34.08 29.48 -8.23
C PHE A 86 33.08 30.30 -7.42
N GLU A 87 32.74 31.46 -7.96
CA GLU A 87 31.73 32.34 -7.35
C GLU A 87 30.37 32.16 -8.01
N LYS A 88 29.32 32.52 -7.27
CA LYS A 88 27.95 32.50 -7.78
C LYS A 88 27.91 33.35 -9.05
N GLY A 89 27.33 32.80 -10.12
CA GLY A 89 27.22 33.48 -11.41
C GLY A 89 28.31 33.14 -12.41
N ASP A 90 29.40 32.49 -11.97
CA ASP A 90 30.47 32.10 -12.90
C ASP A 90 29.91 31.08 -13.89
N GLU A 91 30.24 31.29 -15.16
CA GLU A 91 29.83 30.39 -16.22
C GLU A 91 31.10 29.75 -16.74
N ILE A 92 31.23 28.44 -16.51
CA ILE A 92 32.45 27.73 -16.89
C ILE A 92 32.18 26.83 -18.08
N THR A 93 33.01 26.93 -19.11
CA THR A 93 32.94 26.02 -20.27
C THR A 93 34.30 25.37 -20.49
N TYR A 94 34.32 24.04 -20.64
CA TYR A 94 35.60 23.32 -20.76
C TYR A 94 35.54 22.16 -21.73
N THR A 95 36.71 21.77 -22.23
CA THR A 95 36.89 20.63 -23.11
C THR A 95 38.07 19.86 -22.50
N THR A 96 37.89 18.55 -22.33
CA THR A 96 38.97 17.72 -21.80
C THR A 96 39.71 17.11 -22.97
N LYS A 97 41.04 16.99 -22.86
CA LYS A 97 41.88 16.56 -23.98
C LYS A 97 42.96 15.59 -23.55
N GLY A 98 43.25 14.63 -24.42
CA GLY A 98 44.39 13.74 -24.22
C GLY A 98 45.16 13.54 -25.51
N SER A 99 46.49 13.43 -25.39
CA SER A 99 47.34 13.02 -26.51
C SER A 99 48.60 12.35 -25.99
N THR A 100 49.24 11.56 -26.85
CA THR A 100 50.46 10.84 -26.51
C THR A 100 51.59 11.39 -27.37
N ASN A 101 52.69 11.75 -26.70
CA ASN A 101 53.90 12.31 -27.36
C ASN A 101 53.62 13.41 -28.39
N GLY A 102 52.77 14.37 -28.02
CA GLY A 102 52.42 15.50 -28.90
C GLY A 102 51.59 15.22 -30.14
N GLY A 103 50.99 14.02 -30.22
CA GLY A 103 50.21 13.61 -31.39
C GLY A 103 48.75 14.05 -31.40
N THR A 104 47.96 13.38 -32.23
CA THR A 104 46.49 13.51 -32.34
C THR A 104 45.85 13.67 -30.95
N ALA A 105 45.14 14.79 -30.74
CA ALA A 105 44.42 14.93 -29.46
C ALA A 105 43.02 14.36 -29.57
N TYR A 106 42.61 13.59 -28.56
CA TYR A 106 41.24 13.14 -28.43
C TYR A 106 40.60 14.04 -27.38
N GLU A 107 39.33 14.38 -27.57
CA GLU A 107 38.67 15.33 -26.67
C GLU A 107 37.24 14.98 -26.32
N SER A 108 36.78 15.53 -25.21
CA SER A 108 35.37 15.48 -24.82
C SER A 108 34.90 16.89 -24.53
N GLY A 109 33.67 17.17 -24.95
CA GLY A 109 33.06 18.48 -24.70
C GLY A 109 32.78 19.26 -25.97
N PRO A 110 32.52 20.57 -25.87
CA PRO A 110 32.57 21.33 -24.61
C PRO A 110 31.42 21.05 -23.64
N PHE A 111 31.66 21.29 -22.36
CA PHE A 111 30.65 21.19 -21.30
C PHE A 111 30.56 22.51 -20.55
N THR A 112 29.34 22.93 -20.24
CA THR A 112 29.15 24.20 -19.52
C THR A 112 28.49 23.92 -18.19
N PHE A 113 28.94 24.62 -17.14
CA PHE A 113 28.15 24.67 -15.90
C PHE A 113 28.06 26.10 -15.38
N TYR A 114 26.99 26.37 -14.65
CA TYR A 114 26.73 27.69 -14.09
C TYR A 114 26.75 27.56 -12.57
N VAL A 115 27.58 28.37 -11.94
CA VAL A 115 27.82 28.24 -10.51
C VAL A 115 26.73 28.96 -9.73
N THR A 116 26.13 28.22 -8.79
CA THR A 116 24.92 28.66 -8.13
C THR A 116 25.11 28.94 -6.63
N ASP A 117 24.15 29.65 -6.06
CA ASP A 117 24.01 29.75 -4.61
C ASP A 117 22.55 29.94 -4.27
N TRP A 118 22.23 29.70 -3.00
CA TRP A 118 20.85 29.83 -2.51
C TRP A 118 20.41 31.28 -2.37
N GLU A 119 19.16 31.52 -2.79
CA GLU A 119 18.45 32.78 -2.53
C GLU A 119 17.15 32.39 -1.85
N TYR A 120 16.72 33.16 -0.86
CA TYR A 120 15.53 32.83 -0.10
C TYR A 120 14.56 33.99 -0.11
N VAL A 121 13.28 33.69 0.13
CA VAL A 121 12.29 34.73 0.34
C VAL A 121 12.67 35.48 1.62
N GLN A 122 12.68 36.81 1.54
CA GLN A 122 12.87 37.65 2.72
C GLN A 122 11.50 38.07 3.29
N ASP A 123 10.92 39.14 2.74
CA ASP A 123 9.64 39.69 3.22
C ASP A 123 8.54 39.64 2.18
N VAL A 124 7.29 39.64 2.66
CA VAL A 124 6.13 39.96 1.81
C VAL A 124 6.03 41.48 1.75
N THR A 125 6.12 42.04 0.55
CA THR A 125 6.01 43.49 0.37
C THR A 125 4.60 43.94 0.03
N SER A 126 3.84 43.07 -0.63
CA SER A 126 2.43 43.35 -0.90
C SER A 126 1.66 42.07 -1.18
N VAL A 127 0.35 42.17 -0.97
CA VAL A 127 -0.59 41.07 -1.17
C VAL A 127 -1.59 41.54 -2.23
N VAL A 128 -1.79 40.73 -3.27
CA VAL A 128 -2.76 41.02 -4.32
C VAL A 128 -3.78 39.87 -4.33
N ASP A 129 -5.03 40.18 -4.02
CA ASP A 129 -6.06 39.16 -4.00
C ASP A 129 -6.84 39.24 -5.30
N ASN A 130 -6.69 38.21 -6.11
CA ASN A 130 -7.31 38.17 -7.44
C ASN A 130 -8.64 37.40 -7.47
N GLY A 131 -9.14 36.99 -6.32
CA GLY A 131 -10.47 36.36 -6.24
C GLY A 131 -10.46 34.85 -6.35
N ASP A 132 -9.62 34.30 -7.22
CA ASP A 132 -9.47 32.84 -7.36
C ASP A 132 -8.04 32.42 -7.02
N SER A 133 -7.28 33.38 -6.50
CA SER A 133 -5.85 33.21 -6.21
C SER A 133 -5.33 34.45 -5.52
N ILE A 134 -4.32 34.27 -4.67
CA ILE A 134 -3.68 35.39 -3.98
C ILE A 134 -2.20 35.40 -4.37
N THR A 135 -1.66 36.58 -4.70
CA THR A 135 -0.23 36.72 -4.98
C THR A 135 0.43 37.38 -3.79
N LEU A 136 1.52 36.77 -3.31
CA LEU A 136 2.37 37.45 -2.33
C LEU A 136 3.61 37.93 -3.06
N ASN A 137 3.76 39.25 -3.19
CA ASN A 137 4.95 39.83 -3.79
C ASN A 137 6.04 39.88 -2.75
N MET A 138 7.22 39.38 -3.09
N MET A 138 7.21 39.35 -3.09
CA MET A 138 8.26 39.17 -2.09
CA MET A 138 8.30 39.13 -2.13
C MET A 138 9.59 39.81 -2.45
C MET A 138 9.56 39.91 -2.45
N THR A 139 10.38 40.10 -1.43
CA THR A 139 11.81 40.44 -1.61
C THR A 139 12.61 39.16 -1.41
N ALA A 140 13.86 39.19 -1.87
CA ALA A 140 14.76 38.05 -1.76
C ALA A 140 15.97 38.41 -0.90
N THR A 141 16.55 37.42 -0.26
CA THR A 141 17.72 37.63 0.61
C THR A 141 19.00 38.00 -0.15
N ALA A 142 19.08 37.60 -1.42
CA ALA A 142 20.22 37.86 -2.30
C ALA A 142 19.72 37.88 -3.73
N GLY A 143 20.50 38.45 -4.63
CA GLY A 143 20.13 38.46 -6.04
C GLY A 143 19.15 39.57 -6.40
N ASP A 144 18.81 39.67 -7.68
CA ASP A 144 17.95 40.74 -8.17
C ASP A 144 16.56 40.29 -8.65
N PHE A 145 16.10 39.12 -8.21
CA PHE A 145 14.78 38.66 -8.62
C PHE A 145 13.67 39.38 -7.85
N SER A 146 12.45 39.38 -8.40
N SER A 146 12.45 39.36 -8.39
CA SER A 146 11.26 39.82 -7.69
CA SER A 146 11.27 39.84 -7.68
C SER A 146 10.28 38.66 -7.51
C SER A 146 10.28 38.68 -7.49
N PRO A 147 10.54 37.79 -6.51
CA PRO A 147 9.71 36.57 -6.37
C PRO A 147 8.23 36.82 -6.08
N LYS A 148 7.42 35.88 -6.55
CA LYS A 148 5.99 35.89 -6.25
C LYS A 148 5.61 34.51 -5.79
N LEU A 149 4.91 34.44 -4.66
CA LEU A 149 4.32 33.19 -4.18
C LEU A 149 2.80 33.27 -4.36
N TYR A 150 2.26 32.29 -5.08
CA TYR A 150 0.82 32.25 -5.35
C TYR A 150 0.14 31.23 -4.48
N LEU A 151 -0.98 31.63 -3.88
CA LEU A 151 -1.78 30.74 -3.05
C LEU A 151 -3.11 30.53 -3.72
N SER A 152 -3.55 29.28 -3.78
CA SER A 152 -4.88 28.96 -4.27
C SER A 152 -5.41 27.77 -3.49
N PHE A 153 -6.73 27.55 -3.60
CA PHE A 153 -7.37 26.44 -2.91
C PHE A 153 -7.85 25.39 -3.88
N GLU A 154 -7.17 24.26 -3.89
CA GLU A 154 -7.66 23.10 -4.66
C GLU A 154 -9.04 22.68 -4.13
N ASP A 155 -9.21 22.78 -2.81
CA ASP A 155 -10.52 22.77 -2.18
C ASP A 155 -10.41 23.60 -0.91
N LEU A 156 -11.52 23.82 -0.21
CA LEU A 156 -11.48 24.69 0.97
C LEU A 156 -10.55 24.14 2.07
N ASP A 157 -10.22 22.86 1.98
CA ASP A 157 -9.30 22.22 2.94
C ASP A 157 -7.92 21.82 2.36
N THR A 158 -7.60 22.28 1.15
CA THR A 158 -6.38 21.85 0.46
C THR A 158 -5.74 23.09 -0.18
N LEU A 159 -4.60 23.51 0.36
CA LEU A 159 -3.91 24.74 -0.07
C LEU A 159 -2.81 24.40 -1.05
N ARG A 160 -2.74 25.17 -2.14
CA ARG A 160 -1.67 25.00 -3.13
C ARG A 160 -0.77 26.22 -3.11
N MET A 161 0.54 25.98 -3.04
CA MET A 161 1.54 27.05 -3.13
C MET A 161 2.33 26.93 -4.41
N GLU A 162 2.48 28.06 -5.13
CA GLU A 162 3.24 28.05 -6.37
C GLU A 162 4.21 29.21 -6.31
N LEU A 163 5.50 28.89 -6.32
CA LEU A 163 6.52 29.93 -6.18
C LEU A 163 7.18 30.15 -7.54
N SER A 164 7.21 31.42 -7.97
CA SER A 164 7.96 31.87 -9.15
C SER A 164 9.10 32.78 -8.66
N PRO A 165 10.34 32.26 -8.58
CA PRO A 165 11.47 33.08 -8.11
C PRO A 165 11.65 34.40 -8.88
N THR A 166 11.49 34.35 -10.20
CA THR A 166 11.63 35.57 -11.04
C THR A 166 10.37 36.44 -11.06
N GLY A 167 9.24 35.86 -10.66
CA GLY A 167 7.94 36.52 -10.73
C GLY A 167 7.34 36.57 -12.13
N LYS A 168 7.97 35.92 -13.10
CA LYS A 168 7.51 35.91 -14.49
C LYS A 168 6.42 34.89 -14.80
N GLU A 169 6.22 33.94 -13.89
CA GLU A 169 5.16 32.94 -14.03
C GLU A 169 4.00 33.30 -13.14
N THR A 170 2.83 32.73 -13.45
CA THR A 170 1.62 33.01 -12.72
C THR A 170 1.00 31.70 -12.22
N GLY A 171 0.56 31.69 -10.96
CA GLY A 171 -0.12 30.53 -10.39
C GLY A 171 -1.49 30.22 -11.00
N HIS A 172 -2.02 29.04 -10.65
CA HIS A 172 -3.31 28.56 -11.17
C HIS A 172 -4.50 29.01 -10.33
N ALA A 173 -5.68 29.02 -10.96
CA ALA A 173 -6.96 29.28 -10.27
C ALA A 173 -7.29 28.22 -9.23
N GLY A 174 -7.96 28.63 -8.15
CA GLY A 174 -8.56 27.69 -7.20
C GLY A 174 -9.93 28.21 -6.79
N LYS A 175 -10.48 27.67 -5.72
CA LYS A 175 -11.79 28.07 -5.18
C LYS A 175 -11.79 29.52 -4.72
N SER A 176 -12.97 30.15 -4.77
CA SER A 176 -13.10 31.54 -4.35
C SER A 176 -13.61 31.71 -2.92
N GLY A 177 -13.96 30.61 -2.28
CA GLY A 177 -14.56 30.65 -0.94
C GLY A 177 -13.59 30.92 0.19
N TYR A 178 -12.79 31.97 0.05
CA TYR A 178 -11.89 32.38 1.12
C TYR A 178 -12.10 33.84 1.46
N THR A 179 -11.62 34.24 2.64
CA THR A 179 -11.59 35.65 3.01
C THR A 179 -10.17 36.02 3.43
N VAL A 180 -9.83 37.29 3.29
CA VAL A 180 -8.48 37.76 3.54
C VAL A 180 -8.56 38.89 4.57
N GLU A 181 -7.67 38.84 5.55
N GLU A 181 -7.71 38.81 5.60
CA GLU A 181 -7.45 39.93 6.49
CA GLU A 181 -7.44 39.94 6.48
C GLU A 181 -6.00 40.35 6.34
C GLU A 181 -5.99 40.34 6.30
N ASP A 182 -5.78 41.46 5.61
CA ASP A 182 -4.45 41.94 5.27
C ASP A 182 -4.12 43.12 6.17
N THR A 183 -3.00 43.03 6.88
CA THR A 183 -2.54 44.09 7.80
C THR A 183 -1.07 44.41 7.52
N ALA A 184 -0.53 45.41 8.21
CA ALA A 184 0.86 45.83 8.00
C ALA A 184 1.86 44.70 8.21
N GLU A 185 1.60 43.88 9.22
CA GLU A 185 2.56 42.87 9.68
C GLU A 185 2.22 41.45 9.25
N LYS A 186 0.96 41.21 8.85
CA LYS A 186 0.45 39.85 8.73
C LYS A 186 -0.69 39.80 7.72
N VAL A 187 -0.82 38.68 7.00
CA VAL A 187 -2.01 38.43 6.19
C VAL A 187 -2.57 37.07 6.61
N THR A 188 -3.88 37.01 6.84
CA THR A 188 -4.55 35.77 7.21
C THR A 188 -5.56 35.44 6.14
N VAL A 189 -5.50 34.19 5.66
CA VAL A 189 -6.39 33.68 4.62
C VAL A 189 -7.22 32.57 5.25
N THR A 190 -8.53 32.73 5.17
CA THR A 190 -9.46 31.89 5.90
C THR A 190 -10.48 31.23 4.97
N THR A 191 -10.70 29.93 5.18
CA THR A 191 -11.87 29.25 4.59
C THR A 191 -12.63 28.59 5.74
N GLU A 192 -13.74 27.91 5.43
CA GLU A 192 -14.44 27.16 6.47
C GLU A 192 -13.60 26.04 7.07
N ASP A 193 -12.53 25.64 6.38
CA ASP A 193 -11.66 24.53 6.86
C ASP A 193 -10.24 24.90 7.30
N LEU A 194 -9.74 26.03 6.82
CA LEU A 194 -8.34 26.42 7.04
C LEU A 194 -8.19 27.87 7.47
N SER A 195 -7.15 28.11 8.27
CA SER A 195 -6.71 29.45 8.60
C SER A 195 -5.21 29.52 8.31
N ILE A 196 -4.88 30.30 7.28
CA ILE A 196 -3.48 30.41 6.84
C ILE A 196 -2.93 31.73 7.35
N GLU A 197 -2.01 31.66 8.32
CA GLU A 197 -1.46 32.86 8.96
C GLU A 197 -0.07 33.10 8.43
N ILE A 198 0.11 34.23 7.75
CA ILE A 198 1.39 34.56 7.09
C ILE A 198 1.96 35.84 7.69
N GLN A 199 3.05 35.71 8.45
CA GLN A 199 3.80 36.90 8.88
C GLN A 199 4.52 37.47 7.66
N LYS A 200 4.61 38.80 7.58
CA LYS A 200 5.19 39.43 6.40
C LYS A 200 6.69 39.73 6.50
N SER A 201 7.20 39.97 7.70
CA SER A 201 8.58 40.42 7.84
C SER A 201 9.22 39.80 9.10
N PRO A 202 9.98 38.72 8.96
CA PRO A 202 10.19 38.00 7.69
C PRO A 202 8.98 37.12 7.33
N TYR A 203 8.87 36.80 6.04
CA TYR A 203 7.82 35.90 5.55
C TYR A 203 7.87 34.58 6.32
N ARG A 204 6.73 34.16 6.86
CA ARG A 204 6.61 32.83 7.49
C ARG A 204 5.16 32.43 7.52
N MET A 205 4.89 31.24 6.98
CA MET A 205 3.52 30.70 6.92
C MET A 205 3.26 29.66 8.02
N GLU A 206 2.11 29.79 8.66
CA GLU A 206 1.54 28.73 9.49
C GLU A 206 0.22 28.29 8.90
N VAL A 207 0.02 26.98 8.84
CA VAL A 207 -1.24 26.43 8.35
C VAL A 207 -2.01 25.89 9.57
N HIS A 208 -3.18 26.46 9.80
CA HIS A 208 -4.04 26.06 10.90
C HIS A 208 -5.36 25.51 10.34
N GLN A 209 -6.00 24.66 11.12
CA GLN A 209 -7.40 24.36 10.90
C GLN A 209 -8.19 25.62 11.20
N ALA A 210 -9.42 25.68 10.71
CA ALA A 210 -10.26 26.86 10.92
C ALA A 210 -10.53 27.18 12.40
N ASP A 211 -10.48 26.18 13.26
CA ASP A 211 -10.64 26.39 14.71
C ASP A 211 -9.35 26.79 15.43
N GLY A 212 -8.28 27.05 14.67
CA GLY A 212 -7.02 27.52 15.23
C GLY A 212 -5.93 26.47 15.46
N THR A 213 -6.30 25.19 15.40
CA THR A 213 -5.34 24.11 15.67
C THR A 213 -4.23 24.14 14.62
N LEU A 214 -2.98 24.19 15.07
CA LEU A 214 -1.85 24.23 14.14
C LEU A 214 -1.68 22.87 13.47
N LEU A 215 -1.55 22.89 12.14
CA LEU A 215 -1.27 21.68 11.36
C LEU A 215 0.23 21.56 11.13
N THR A 216 0.79 22.57 10.47
CA THR A 216 2.25 22.66 10.28
C THR A 216 2.64 24.09 10.00
N SER A 217 3.94 24.36 10.02
CA SER A 217 4.38 25.74 9.82
C SER A 217 5.78 25.70 9.30
N GLU A 218 6.17 26.79 8.65
CA GLU A 218 7.55 26.93 8.22
C GLU A 218 8.48 27.15 9.40
N TYR A 219 9.76 26.86 9.17
CA TYR A 219 10.76 26.97 10.22
C TYR A 219 10.84 28.40 10.77
N THR A 220 11.07 28.50 12.09
CA THR A 220 10.83 29.73 12.88
C THR A 220 11.79 30.85 12.56
N THR A 221 12.96 30.51 12.02
CA THR A 221 13.97 31.53 11.71
C THR A 221 13.64 32.14 10.36
N ALA A 222 12.60 31.57 9.72
CA ALA A 222 12.11 32.00 8.40
C ALA A 222 13.27 31.92 7.39
N ASN A 223 13.26 32.74 6.33
CA ASN A 223 14.10 32.45 5.14
C ASN A 223 14.11 30.94 4.83
N SER A 224 12.93 30.34 4.94
CA SER A 224 12.81 28.91 4.85
C SER A 224 12.71 28.50 3.38
N LEU A 225 12.13 29.39 2.57
CA LEU A 225 11.74 29.06 1.22
C LEU A 225 12.73 29.66 0.22
N GLY A 226 13.33 28.79 -0.59
CA GLY A 226 14.46 29.23 -1.43
C GLY A 226 14.65 28.47 -2.72
N TRP A 227 15.57 28.99 -3.53
CA TRP A 227 15.88 28.41 -4.85
C TRP A 227 17.39 28.59 -5.06
N LEU A 228 17.96 27.68 -5.84
CA LEU A 228 19.40 27.61 -6.07
C LEU A 228 19.67 28.08 -7.50
N THR A 229 20.40 29.19 -7.66
CA THR A 229 20.46 29.89 -8.92
C THR A 229 21.82 30.54 -9.14
N ASP A 230 22.20 30.70 -10.40
CA ASP A 230 23.35 31.54 -10.72
C ASP A 230 22.95 33.01 -10.86
N GLY A 231 21.63 33.27 -10.76
CA GLY A 231 21.05 34.61 -10.91
C GLY A 231 20.81 35.08 -12.34
N LYS A 232 21.03 34.18 -13.31
CA LYS A 232 21.07 34.55 -14.74
C LYS A 232 20.49 33.52 -15.71
N ASN A 233 20.89 32.27 -15.55
CA ASN A 233 20.67 31.22 -16.55
C ASN A 233 19.87 30.03 -16.02
N VAL A 234 20.10 29.69 -14.76
CA VAL A 234 19.56 28.45 -14.19
C VAL A 234 18.95 28.61 -12.81
N ILE A 235 17.89 27.82 -12.56
CA ILE A 235 17.39 27.50 -11.20
C ILE A 235 17.48 25.97 -11.10
N ASN A 236 18.38 25.47 -10.25
CA ASN A 236 18.69 24.03 -10.21
C ASN A 236 18.01 23.25 -9.10
N GLN A 237 17.56 23.96 -8.08
CA GLN A 237 16.91 23.31 -6.94
C GLN A 237 15.99 24.27 -6.21
N TYR A 238 15.00 23.71 -5.50
CA TYR A 238 14.15 24.48 -4.60
C TYR A 238 14.20 23.85 -3.23
N GLN A 239 13.93 24.63 -2.19
CA GLN A 239 13.71 24.04 -0.86
C GLN A 239 12.68 24.81 -0.06
N ASN A 240 12.04 24.11 0.88
CA ASN A 240 11.38 24.77 1.99
C ASN A 240 11.64 23.98 3.27
N ASN A 241 11.48 24.65 4.40
CA ASN A 241 11.84 24.12 5.71
C ASN A 241 10.74 24.42 6.68
N PHE A 242 10.43 23.42 7.51
CA PHE A 242 9.24 23.43 8.37
C PHE A 242 9.59 23.02 9.79
N MET A 243 8.83 23.54 10.76
CA MET A 243 9.05 23.21 12.17
C MET A 243 8.26 21.94 12.49
N THR A 244 8.89 21.02 13.23
CA THR A 244 8.21 19.78 13.61
C THR A 244 8.47 19.38 15.06
N PRO A 245 7.39 19.18 15.86
CA PRO A 245 7.52 18.76 17.25
C PRO A 245 8.09 17.32 17.34
N SER A 246 8.68 16.99 18.48
N SER A 246 8.67 16.99 18.49
CA SER A 246 9.39 15.72 18.65
CA SER A 246 9.39 15.73 18.69
C SER A 246 8.53 14.49 18.34
C SER A 246 8.55 14.47 18.45
N ASP A 247 7.24 14.57 18.64
CA ASP A 247 6.35 13.42 18.48
C ASP A 247 5.76 13.24 17.10
N GLU A 248 6.06 14.14 16.17
CA GLU A 248 5.39 14.06 14.87
C GLU A 248 5.87 12.86 14.06
N ALA A 249 4.92 12.07 13.55
CA ALA A 249 5.22 10.90 12.71
C ALA A 249 4.90 11.21 11.25
N PHE A 250 5.69 10.64 10.34
CA PHE A 250 5.57 10.92 8.91
C PHE A 250 5.46 9.63 8.11
N TYR A 251 4.34 9.50 7.41
CA TYR A 251 3.99 8.25 6.75
C TYR A 251 3.92 8.41 5.25
N GLY A 252 4.10 7.30 4.53
CA GLY A 252 3.89 7.27 3.10
C GLY A 252 5.19 7.33 2.32
N PHE A 253 5.35 8.38 1.52
CA PHE A 253 6.51 8.58 0.63
C PHE A 253 6.62 7.53 -0.48
N GLY A 254 5.48 6.93 -0.84
CA GLY A 254 5.52 5.78 -1.74
C GLY A 254 5.61 4.48 -0.98
N GLU A 255 6.33 3.52 -1.55
CA GLU A 255 6.45 2.19 -0.99
C GLU A 255 7.82 2.10 -0.30
N ARG A 256 7.83 1.94 1.01
CA ARG A 256 9.08 2.01 1.78
C ARG A 256 9.24 0.74 2.60
N TYR A 257 10.47 0.21 2.63
CA TYR A 257 10.73 -1.14 3.16
C TYR A 257 11.41 -1.12 4.52
N ASP A 258 11.95 0.05 4.88
CA ASP A 258 12.76 0.19 6.08
C ASP A 258 11.96 0.49 7.34
N THR A 259 10.98 1.38 7.21
CA THR A 259 10.18 1.84 8.33
C THR A 259 8.88 2.43 7.79
N ILE A 260 7.82 2.37 8.59
CA ILE A 260 6.58 3.07 8.22
C ILE A 260 6.55 4.55 8.65
N ASN A 261 7.40 4.90 9.60
CA ASN A 261 7.48 6.27 10.09
C ASN A 261 8.86 6.81 9.74
N GLN A 262 8.92 7.76 8.80
CA GLN A 262 10.19 8.23 8.26
C GLN A 262 10.89 9.28 9.10
N ARG A 263 10.37 9.62 10.29
CA ARG A 263 11.09 10.58 11.14
C ARG A 263 12.51 10.08 11.40
N GLY A 264 13.49 10.95 11.17
CA GLY A 264 14.91 10.64 11.31
C GLY A 264 15.63 10.35 10.01
N LYS A 265 14.88 10.13 8.94
CA LYS A 265 15.43 9.68 7.65
C LYS A 265 15.50 10.81 6.63
N ASP A 266 16.49 10.72 5.74
CA ASP A 266 16.51 11.48 4.48
C ASP A 266 15.90 10.58 3.44
N VAL A 267 14.71 10.94 2.96
CA VAL A 267 13.93 10.07 2.06
C VAL A 267 14.12 10.56 0.63
N GLU A 268 14.58 9.66 -0.25
CA GLU A 268 14.83 10.03 -1.64
C GLU A 268 13.61 9.63 -2.49
N THR A 269 13.06 10.59 -3.21
CA THR A 269 12.01 10.32 -4.17
C THR A 269 12.69 9.93 -5.48
N TYR A 270 12.98 8.65 -5.62
CA TYR A 270 13.84 8.18 -6.71
C TYR A 270 13.51 6.72 -6.93
N VAL A 271 12.96 6.40 -8.08
CA VAL A 271 12.65 4.99 -8.39
C VAL A 271 13.95 4.23 -8.67
N TYR A 272 14.03 3.01 -8.17
CA TYR A 272 15.23 2.22 -8.35
C TYR A 272 14.92 0.74 -8.27
N ASN A 273 15.59 -0.05 -9.10
CA ASN A 273 15.47 -1.50 -9.05
C ASN A 273 16.55 -2.09 -8.11
N GLU A 274 16.19 -2.26 -6.83
CA GLU A 274 17.13 -2.81 -5.82
C GLU A 274 16.68 -4.21 -5.43
N TYR A 275 17.50 -5.20 -5.78
CA TYR A 275 17.15 -6.61 -5.57
C TYR A 275 17.42 -7.02 -4.12
N GLN A 276 16.38 -7.54 -3.43
CA GLN A 276 16.50 -8.17 -2.10
C GLN A 276 16.80 -7.29 -0.87
N ASP A 277 17.60 -6.24 -1.03
CA ASP A 277 18.00 -5.48 0.16
C ASP A 277 17.43 -4.05 0.18
N GLN A 278 16.16 -3.93 -0.19
CA GLN A 278 15.50 -2.63 -0.24
C GLN A 278 15.49 -1.96 1.13
N ALA A 279 15.22 -2.73 2.19
CA ALA A 279 15.13 -2.13 3.55
C ALA A 279 16.49 -1.57 3.99
N GLN A 280 17.54 -2.36 3.77
CA GLN A 280 18.87 -2.00 4.24
C GLN A 280 19.42 -0.79 3.49
N THR A 281 19.19 -0.76 2.18
CA THR A 281 19.65 0.34 1.33
C THR A 281 18.66 1.53 1.31
N GLU A 282 17.46 1.34 1.86
CA GLU A 282 16.41 2.37 1.91
C GLU A 282 16.04 2.80 0.48
N ARG A 283 15.97 1.81 -0.42
CA ARG A 283 15.60 2.07 -1.81
C ARG A 283 14.21 1.52 -2.12
N THR A 284 13.64 1.91 -3.25
CA THR A 284 12.32 1.47 -3.65
C THR A 284 12.06 1.60 -5.13
N TYR A 285 11.17 0.74 -5.62
CA TYR A 285 10.72 0.77 -7.00
C TYR A 285 9.65 1.82 -7.21
N LEU A 286 9.02 2.26 -6.13
CA LEU A 286 7.78 3.05 -6.24
C LEU A 286 7.90 4.20 -5.23
N ALA A 287 8.25 5.38 -5.75
CA ALA A 287 8.61 6.53 -4.90
C ALA A 287 7.65 7.65 -5.22
N VAL A 288 7.06 8.23 -4.18
CA VAL A 288 6.00 9.22 -4.36
C VAL A 288 6.31 10.40 -3.43
N PRO A 289 6.33 11.64 -3.96
CA PRO A 289 6.67 12.78 -3.08
C PRO A 289 5.44 13.30 -2.31
N PHE A 290 4.84 12.42 -1.52
CA PHE A 290 3.65 12.71 -0.75
C PHE A 290 3.83 12.01 0.58
N PHE A 291 3.62 12.75 1.66
CA PHE A 291 3.53 12.13 2.98
C PHE A 291 2.31 12.59 3.75
N VAL A 292 1.92 11.77 4.71
CA VAL A 292 0.83 12.12 5.63
C VAL A 292 1.40 12.17 7.03
N SER A 293 1.10 13.26 7.75
CA SER A 293 1.52 13.38 9.14
C SER A 293 0.38 13.05 10.07
N ALA A 294 0.69 12.38 11.19
CA ALA A 294 -0.31 12.14 12.20
C ALA A 294 -0.78 13.44 12.90
N ASN A 295 -0.13 14.57 12.61
CA ASN A 295 -0.65 15.89 12.99
C ASN A 295 -1.74 16.43 12.07
N LYS A 296 -2.27 15.55 11.22
CA LYS A 296 -3.53 15.77 10.48
C LYS A 296 -3.38 16.67 9.24
N TYR A 297 -2.28 16.46 8.50
CA TYR A 297 -2.14 17.08 7.20
C TYR A 297 -1.30 16.15 6.32
N GLY A 298 -1.43 16.33 5.01
CA GLY A 298 -0.53 15.74 4.04
C GLY A 298 0.23 16.83 3.32
N MET A 299 1.38 16.47 2.75
CA MET A 299 2.13 17.42 1.91
C MET A 299 2.50 16.69 0.63
N TYR A 300 2.20 17.32 -0.50
CA TYR A 300 2.49 16.74 -1.81
C TYR A 300 3.30 17.74 -2.60
N VAL A 301 4.52 17.35 -3.01
CA VAL A 301 5.35 18.24 -3.86
C VAL A 301 5.09 17.76 -5.27
N ASN A 302 4.44 18.62 -6.05
CA ASN A 302 3.97 18.29 -7.39
C ASN A 302 5.07 18.46 -8.42
N SER A 303 5.90 17.43 -8.55
CA SER A 303 6.97 17.42 -9.54
C SER A 303 7.47 15.99 -9.71
N ASP A 304 7.85 15.65 -10.93
CA ASP A 304 8.45 14.35 -11.20
C ASP A 304 9.96 14.36 -10.99
N PHE A 305 10.58 15.53 -10.80
CA PHE A 305 12.03 15.56 -10.50
C PHE A 305 12.32 14.86 -9.17
N HIS A 306 13.53 14.33 -9.04
CA HIS A 306 13.98 13.81 -7.75
C HIS A 306 13.86 14.87 -6.65
N SER A 307 13.36 14.45 -5.50
CA SER A 307 13.36 15.28 -4.30
C SER A 307 13.93 14.47 -3.13
N GLN A 308 14.47 15.19 -2.15
CA GLN A 308 14.88 14.61 -0.88
C GLN A 308 14.08 15.23 0.25
N PHE A 309 13.42 14.39 1.04
CA PHE A 309 12.69 14.84 2.23
C PHE A 309 13.55 14.56 3.46
N GLN A 310 13.97 15.62 4.11
CA GLN A 310 14.81 15.54 5.29
C GLN A 310 13.91 15.61 6.52
N MET A 311 13.58 14.45 7.10
CA MET A 311 12.52 14.44 8.10
C MET A 311 13.09 14.44 9.51
N ALA A 312 13.44 15.64 9.99
CA ALA A 312 14.13 15.77 11.30
C ALA A 312 15.42 14.95 11.30
N SER A 313 16.08 14.92 10.15
CA SER A 313 17.30 14.15 9.92
C SER A 313 18.56 15.00 10.09
N LYS A 314 18.40 16.32 10.09
CA LYS A 314 19.52 17.26 10.20
C LYS A 314 19.44 17.98 11.54
N VAL A 315 18.31 18.64 11.76
CA VAL A 315 17.99 19.35 12.98
C VAL A 315 16.75 18.64 13.54
N GLU A 316 16.72 18.44 14.86
CA GLU A 316 15.68 17.62 15.50
C GLU A 316 14.24 18.15 15.32
N ASP A 317 14.10 19.46 15.15
CA ASP A 317 12.79 20.09 15.06
C ASP A 317 12.50 20.66 13.67
N LYS A 318 13.23 20.18 12.66
CA LYS A 318 13.07 20.70 11.29
C LYS A 318 12.81 19.57 10.31
N TYR A 319 11.82 19.74 9.45
CA TYR A 319 11.78 18.93 8.23
C TYR A 319 11.83 19.78 6.97
N SER A 320 12.38 19.20 5.90
CA SER A 320 12.67 19.99 4.70
C SER A 320 12.43 19.16 3.47
N PHE A 321 12.09 19.81 2.37
CA PHE A 321 12.24 19.15 1.09
C PHE A 321 13.21 19.91 0.23
N VAL A 322 13.97 19.17 -0.57
CA VAL A 322 14.89 19.78 -1.53
C VAL A 322 14.51 19.13 -2.85
N LEU A 323 14.04 19.96 -3.78
CA LEU A 323 13.52 19.47 -5.05
C LEU A 323 14.46 19.88 -6.17
N ASP A 324 14.84 18.91 -7.00
CA ASP A 324 15.71 19.18 -8.15
C ASP A 324 14.93 19.84 -9.30
N ASN A 325 15.67 20.50 -10.17
CA ASN A 325 15.11 21.09 -11.38
C ASN A 325 16.15 20.94 -12.50
N ASP A 326 15.71 21.01 -13.76
CA ASP A 326 16.63 20.85 -14.88
C ASP A 326 17.34 22.14 -15.27
N GLY A 327 17.16 23.20 -14.48
CA GLY A 327 17.76 24.50 -14.78
C GLY A 327 16.77 25.52 -15.34
N ASP A 328 15.68 25.04 -15.92
CA ASP A 328 14.67 25.92 -16.52
C ASP A 328 14.08 26.89 -15.48
N MET A 329 14.33 28.18 -15.70
CA MET A 329 13.96 29.22 -14.74
C MET A 329 12.46 29.49 -14.72
N THR A 330 11.73 28.88 -15.65
CA THR A 330 10.27 29.07 -15.74
C THR A 330 9.47 27.95 -15.04
N ASN A 331 10.17 26.95 -14.48
CA ASN A 331 9.50 25.86 -13.75
C ASN A 331 9.22 26.27 -12.29
N MET A 332 7.97 26.66 -11.98
CA MET A 332 7.62 27.02 -10.60
C MET A 332 7.72 25.83 -9.63
N LEU A 333 8.04 26.11 -8.36
CA LEU A 333 7.84 25.15 -7.30
C LEU A 333 6.34 25.08 -7.02
N ASP A 334 5.80 23.87 -6.89
CA ASP A 334 4.34 23.67 -6.80
C ASP A 334 4.12 22.59 -5.74
N TYR A 335 3.52 22.97 -4.61
CA TYR A 335 3.24 21.97 -3.55
C TYR A 335 1.94 22.22 -2.82
N TYR A 336 1.40 21.18 -2.20
CA TYR A 336 0.11 21.28 -1.56
C TYR A 336 0.24 20.91 -0.09
N VAL A 337 -0.49 21.63 0.76
CA VAL A 337 -0.72 21.21 2.14
C VAL A 337 -2.20 20.80 2.22
N ILE A 338 -2.42 19.53 2.54
CA ILE A 338 -3.71 18.87 2.37
C ILE A 338 -4.28 18.56 3.75
N SER A 339 -5.46 19.13 4.03
CA SER A 339 -6.22 18.78 5.22
C SER A 339 -7.44 17.97 4.79
N GLY A 340 -8.30 17.60 5.73
CA GLY A 340 -9.52 16.86 5.42
C GLY A 340 -10.27 16.51 6.68
N LYS A 341 -11.32 15.71 6.52
CA LYS A 341 -12.22 15.33 7.63
C LYS A 341 -11.51 14.37 8.59
N ASP A 342 -10.62 13.55 8.01
CA ASP A 342 -9.79 12.60 8.75
C ASP A 342 -8.60 12.18 7.88
N GLN A 343 -7.78 11.23 8.34
CA GLN A 343 -6.53 10.91 7.60
C GLN A 343 -6.81 10.28 6.25
N ASN A 344 -7.87 9.47 6.19
CA ASN A 344 -8.23 8.84 4.94
C ASN A 344 -8.78 9.82 3.93
N ASP A 345 -9.43 10.85 4.46
CA ASP A 345 -9.91 11.95 3.62
C ASP A 345 -8.75 12.77 3.05
N ILE A 346 -7.64 12.86 3.80
CA ILE A 346 -6.44 13.53 3.27
C ILE A 346 -5.93 12.74 2.07
N VAL A 347 -5.89 11.42 2.20
CA VAL A 347 -5.54 10.55 1.06
C VAL A 347 -6.50 10.73 -0.11
N ASN A 348 -7.81 10.78 0.17
CA ASN A 348 -8.76 11.06 -0.89
C ASN A 348 -8.45 12.38 -1.63
N ASN A 349 -8.15 13.44 -0.87
CA ASN A 349 -7.83 14.74 -1.48
C ASN A 349 -6.59 14.66 -2.35
N TYR A 350 -5.59 13.90 -1.89
CA TYR A 350 -4.41 13.64 -2.69
C TYR A 350 -4.81 12.96 -4.01
N THR A 351 -5.72 11.99 -3.95
CA THR A 351 -6.15 11.31 -5.18
C THR A 351 -7.00 12.21 -6.09
N ASP A 352 -7.62 13.24 -5.52
CA ASP A 352 -8.27 14.26 -6.36
C ASP A 352 -7.22 14.92 -7.24
N ILE A 353 -6.02 15.09 -6.71
CA ILE A 353 -4.95 15.80 -7.41
C ILE A 353 -4.26 14.88 -8.41
N THR A 354 -3.96 13.64 -8.01
CA THR A 354 -3.05 12.78 -8.78
C THR A 354 -3.73 11.59 -9.43
N GLY A 355 -5.00 11.37 -9.12
CA GLY A 355 -5.76 10.30 -9.78
C GLY A 355 -6.31 9.28 -8.82
N LYS A 356 -7.54 8.87 -9.08
CA LYS A 356 -8.16 7.81 -8.29
C LYS A 356 -7.65 6.45 -8.71
N THR A 357 -7.65 5.51 -7.77
CA THR A 357 -7.49 4.12 -8.12
C THR A 357 -8.60 3.70 -9.08
N THR A 358 -8.24 2.94 -10.12
CA THR A 358 -9.25 2.38 -11.02
C THR A 358 -9.74 1.05 -10.47
N LEU A 359 -11.05 0.94 -10.23
CA LEU A 359 -11.62 -0.34 -9.79
C LEU A 359 -11.27 -1.47 -10.74
N LEU A 360 -10.73 -2.56 -10.18
CA LEU A 360 -10.42 -3.76 -10.95
C LEU A 360 -11.54 -4.77 -10.81
N PRO A 361 -11.68 -5.71 -11.78
CA PRO A 361 -12.67 -6.79 -11.60
C PRO A 361 -12.44 -7.62 -10.38
N LYS A 362 -13.51 -8.25 -9.89
CA LYS A 362 -13.42 -9.07 -8.70
C LYS A 362 -12.38 -10.18 -8.76
N TRP A 363 -12.14 -10.73 -9.95
CA TRP A 363 -11.13 -11.78 -10.07
C TRP A 363 -9.73 -11.38 -9.63
N ALA A 364 -9.42 -10.09 -9.73
CA ALA A 364 -8.13 -9.60 -9.26
C ALA A 364 -7.92 -9.81 -7.75
N PHE A 365 -9.02 -10.00 -7.01
CA PHE A 365 -9.00 -10.12 -5.55
C PHE A 365 -9.04 -11.55 -5.00
N GLY A 366 -8.99 -12.53 -5.89
CA GLY A 366 -8.79 -13.92 -5.49
C GLY A 366 -7.30 -14.28 -5.53
N LEU A 367 -6.98 -15.56 -5.35
CA LEU A 367 -5.57 -15.94 -5.32
C LEU A 367 -4.97 -15.92 -6.74
N TRP A 368 -3.77 -15.32 -6.84
CA TRP A 368 -2.95 -15.38 -8.05
C TRP A 368 -1.87 -16.44 -7.91
N MET A 369 -1.76 -17.32 -8.92
CA MET A 369 -0.69 -18.35 -8.96
C MET A 369 0.36 -17.97 -9.98
N SER A 370 1.63 -18.12 -9.61
CA SER A 370 2.72 -17.70 -10.48
C SER A 370 3.95 -18.54 -10.13
N ALA A 371 4.81 -18.77 -11.12
CA ALA A 371 6.13 -19.39 -10.90
C ALA A 371 6.94 -19.19 -12.16
N ASN A 372 8.14 -18.62 -12.01
CA ASN A 372 8.97 -18.39 -13.18
C ASN A 372 9.29 -19.70 -13.91
N GLU A 373 9.36 -20.81 -13.19
CA GLU A 373 9.67 -22.11 -13.79
C GLU A 373 8.62 -22.70 -14.76
N TRP A 374 7.41 -22.16 -14.72
CA TRP A 374 6.35 -22.59 -15.65
C TRP A 374 6.68 -22.06 -17.04
N ASP A 375 7.09 -22.96 -17.92
CA ASP A 375 7.63 -22.53 -19.21
C ASP A 375 7.13 -23.35 -20.39
N ARG A 376 6.08 -24.13 -20.17
CA ARG A 376 5.52 -24.97 -21.23
C ARG A 376 4.09 -25.33 -20.89
N GLU A 377 3.36 -25.78 -21.90
CA GLU A 377 1.95 -26.17 -21.71
C GLU A 377 1.76 -27.20 -20.61
N SER A 378 2.64 -28.20 -20.52
CA SER A 378 2.47 -29.24 -19.50
C SER A 378 2.65 -28.66 -18.09
N ASP A 379 3.45 -27.61 -17.95
CA ASP A 379 3.58 -26.93 -16.64
C ASP A 379 2.27 -26.25 -16.27
N VAL A 380 1.63 -25.61 -17.26
CA VAL A 380 0.36 -24.92 -17.02
C VAL A 380 -0.72 -25.98 -16.68
N SER A 381 -0.81 -27.05 -17.46
CA SER A 381 -1.76 -28.14 -17.17
C SER A 381 -1.57 -28.71 -15.77
N SER A 382 -0.31 -28.93 -15.40
CA SER A 382 0.02 -29.46 -14.07
C SER A 382 -0.38 -28.49 -12.97
N ALA A 383 -0.11 -27.19 -13.16
CA ALA A 383 -0.55 -26.18 -12.18
C ALA A 383 -2.06 -26.20 -11.98
N LEU A 384 -2.81 -26.28 -13.07
CA LEU A 384 -4.28 -26.32 -12.98
C LEU A 384 -4.76 -27.62 -12.33
N SER A 385 -4.16 -28.74 -12.72
CA SER A 385 -4.48 -30.04 -12.15
C SER A 385 -4.17 -30.09 -10.65
N ASN A 386 -2.99 -29.60 -10.27
CA ASN A 386 -2.61 -29.52 -8.85
C ASN A 386 -3.52 -28.63 -8.03
N ALA A 387 -3.90 -27.48 -8.60
CA ALA A 387 -4.85 -26.60 -7.92
C ALA A 387 -6.19 -27.30 -7.74
N LYS A 388 -6.66 -27.99 -8.77
CA LYS A 388 -7.95 -28.68 -8.74
C LYS A 388 -7.92 -29.82 -7.72
N ALA A 389 -6.86 -30.62 -7.72
CA ALA A 389 -6.76 -31.79 -6.83
C ALA A 389 -6.65 -31.40 -5.35
N ASN A 390 -6.06 -30.23 -5.11
CA ASN A 390 -5.83 -29.70 -3.77
C ASN A 390 -6.90 -28.68 -3.34
N ASP A 391 -8.00 -28.61 -4.08
CA ASP A 391 -9.12 -27.71 -3.80
C ASP A 391 -8.68 -26.26 -3.55
N ILE A 392 -7.92 -25.74 -4.53
CA ILE A 392 -7.39 -24.37 -4.47
C ILE A 392 -8.08 -23.57 -5.59
N PRO A 393 -9.19 -22.87 -5.25
CA PRO A 393 -9.96 -22.14 -6.25
C PRO A 393 -9.35 -20.74 -6.55
N ALA A 394 -8.15 -20.74 -7.11
CA ALA A 394 -7.47 -19.52 -7.48
C ALA A 394 -8.21 -18.83 -8.62
N THR A 395 -7.96 -17.52 -8.80
CA THR A 395 -8.60 -16.76 -9.89
C THR A 395 -7.62 -16.11 -10.85
N GLY A 396 -6.36 -15.99 -10.45
CA GLY A 396 -5.35 -15.34 -11.28
C GLY A 396 -4.21 -16.28 -11.60
N PHE A 397 -3.60 -16.10 -12.77
CA PHE A 397 -2.55 -17.01 -13.26
C PHE A 397 -1.54 -16.15 -14.01
N VAL A 398 -0.26 -16.34 -13.71
CA VAL A 398 0.75 -15.52 -14.36
C VAL A 398 1.70 -16.43 -15.13
N LEU A 399 2.05 -16.03 -16.36
CA LEU A 399 3.15 -16.68 -17.07
C LEU A 399 4.27 -15.68 -17.31
N GLU A 400 5.47 -16.06 -16.91
CA GLU A 400 6.64 -15.26 -17.15
C GLU A 400 7.50 -15.81 -18.26
N GLN A 401 7.81 -17.10 -18.16
CA GLN A 401 8.72 -17.76 -19.08
C GLN A 401 7.92 -18.33 -20.28
N TRP A 402 7.26 -17.40 -20.99
CA TRP A 402 6.30 -17.76 -22.03
C TRP A 402 6.79 -17.48 -23.44
N SER A 403 7.71 -16.53 -23.58
CA SER A 403 8.01 -15.97 -24.88
C SER A 403 9.31 -16.52 -25.48
N ASP A 404 9.61 -16.05 -26.69
CA ASP A 404 10.88 -16.33 -27.36
C ASP A 404 12.13 -15.76 -26.65
N GLU A 405 11.90 -14.94 -25.61
CA GLU A 405 13.00 -14.28 -24.84
C GLU A 405 13.87 -13.39 -25.75
N GLU A 406 13.25 -12.89 -26.83
CA GLU A 406 13.91 -11.99 -27.75
C GLU A 406 13.03 -10.79 -28.06
N THR A 407 11.85 -11.04 -28.63
CA THR A 407 10.89 -9.98 -28.95
C THR A 407 9.96 -9.70 -27.76
N TYR A 408 9.72 -10.72 -26.95
CA TYR A 408 8.75 -10.66 -25.84
C TYR A 408 7.30 -10.42 -26.27
N TYR A 409 7.00 -10.64 -27.56
CA TYR A 409 5.59 -10.69 -27.96
C TYR A 409 5.23 -11.94 -28.78
N ILE A 410 6.20 -12.85 -28.93
CA ILE A 410 6.02 -14.10 -29.68
C ILE A 410 6.25 -15.25 -28.70
N TRP A 411 5.35 -16.25 -28.77
CA TRP A 411 5.44 -17.46 -27.95
C TRP A 411 6.72 -18.22 -28.21
N ASN A 412 7.30 -18.76 -27.14
CA ASN A 412 8.51 -19.59 -27.29
C ASN A 412 8.30 -20.73 -28.29
N ASN A 413 9.32 -20.97 -29.11
CA ASN A 413 9.34 -22.04 -30.12
C ASN A 413 8.43 -21.81 -31.34
N ALA A 414 7.70 -20.69 -31.38
CA ALA A 414 6.82 -20.40 -32.54
C ALA A 414 7.67 -20.06 -33.76
N THR A 415 7.26 -20.58 -34.90
CA THR A 415 7.94 -20.25 -36.16
C THR A 415 6.99 -19.42 -37.02
N TYR A 416 7.56 -18.66 -37.96
CA TYR A 416 6.84 -17.63 -38.73
C TYR A 416 7.77 -17.02 -39.78
N THR A 417 7.20 -16.35 -40.78
CA THR A 417 7.99 -15.52 -41.67
C THR A 417 8.17 -14.16 -40.98
N ALA A 418 9.42 -13.77 -40.77
CA ALA A 418 9.72 -12.51 -40.10
C ALA A 418 9.13 -11.33 -40.87
N LYS A 419 8.71 -10.31 -40.13
CA LYS A 419 8.13 -9.12 -40.73
C LYS A 419 9.04 -7.92 -40.56
N LYS A 420 9.18 -7.16 -41.64
CA LYS A 420 9.95 -5.92 -41.63
C LYS A 420 9.06 -4.74 -41.25
N ASN A 421 9.69 -3.59 -40.99
CA ASN A 421 9.00 -2.32 -40.77
C ASN A 421 8.00 -2.31 -39.60
N GLY A 422 8.30 -3.11 -38.58
CA GLY A 422 7.49 -3.21 -37.36
C GLY A 422 6.04 -3.62 -37.56
N GLU A 423 5.75 -4.26 -38.69
CA GLU A 423 4.40 -4.76 -39.01
C GLU A 423 3.99 -5.78 -37.94
N ALA A 424 2.71 -5.76 -37.58
CA ALA A 424 2.21 -6.62 -36.51
C ALA A 424 1.84 -8.01 -37.03
N PHE A 425 1.96 -9.00 -36.16
CA PHE A 425 1.50 -10.37 -36.43
C PHE A 425 0.05 -10.57 -35.98
N SER A 426 -0.61 -11.52 -36.63
N SER A 426 -0.63 -11.51 -36.61
CA SER A 426 -1.88 -12.07 -36.16
CA SER A 426 -1.89 -12.05 -36.12
C SER A 426 -1.56 -13.49 -35.70
C SER A 426 -1.60 -13.52 -35.76
N TYR A 427 -2.55 -14.16 -35.06
CA TYR A 427 -2.38 -15.54 -34.59
C TYR A 427 -2.05 -16.56 -35.71
N ASP A 428 -2.72 -16.38 -36.85
CA ASP A 428 -2.57 -17.24 -38.04
C ASP A 428 -1.19 -17.17 -38.69
N ASP A 429 -0.41 -16.15 -38.36
CA ASP A 429 0.95 -16.02 -38.89
C ASP A 429 1.91 -17.05 -38.30
N PHE A 430 1.55 -17.63 -37.15
CA PHE A 430 2.48 -18.50 -36.42
C PHE A 430 2.18 -19.97 -36.63
N THR A 431 3.25 -20.76 -36.66
CA THR A 431 3.18 -22.20 -36.46
C THR A 431 3.67 -22.45 -35.03
N PHE A 432 2.81 -23.01 -34.20
CA PHE A 432 3.15 -23.20 -32.79
C PHE A 432 3.75 -24.58 -32.54
N ASN A 433 4.87 -24.62 -31.84
CA ASN A 433 5.70 -25.80 -31.71
C ASN A 433 6.16 -26.01 -30.28
N GLY A 434 6.67 -27.22 -30.01
CA GLY A 434 7.48 -27.47 -28.81
C GLY A 434 6.74 -27.22 -27.52
N LYS A 435 7.20 -26.22 -26.76
CA LYS A 435 6.67 -25.93 -25.44
C LYS A 435 5.25 -25.35 -25.45
N TRP A 436 4.85 -24.76 -26.57
CA TRP A 436 3.55 -24.11 -26.70
C TRP A 436 2.96 -24.46 -28.04
N THR A 437 2.29 -25.59 -28.12
CA THR A 437 1.73 -26.04 -29.40
C THR A 437 0.37 -25.39 -29.70
N ASP A 438 -0.31 -24.87 -28.67
CA ASP A 438 -1.62 -24.25 -28.86
C ASP A 438 -1.89 -23.20 -27.77
N PRO A 439 -1.29 -21.99 -27.89
CA PRO A 439 -1.47 -20.98 -26.82
C PRO A 439 -2.94 -20.61 -26.57
N LYS A 440 -3.72 -20.52 -27.64
CA LYS A 440 -5.16 -20.24 -27.54
C LYS A 440 -5.84 -21.30 -26.67
N GLY A 441 -5.60 -22.58 -26.96
CA GLY A 441 -6.18 -23.67 -26.18
C GLY A 441 -5.70 -23.69 -24.74
N MET A 442 -4.43 -23.32 -24.54
CA MET A 442 -3.87 -23.25 -23.20
C MET A 442 -4.62 -22.19 -22.39
N VAL A 443 -4.81 -21.00 -22.98
CA VAL A 443 -5.52 -19.91 -22.28
C VAL A 443 -6.97 -20.32 -21.98
N ASP A 444 -7.61 -20.99 -22.94
CA ASP A 444 -8.99 -21.47 -22.75
C ASP A 444 -9.09 -22.42 -21.57
N SER A 445 -8.07 -23.26 -21.38
CA SER A 445 -8.07 -24.21 -20.26
C SER A 445 -7.87 -23.49 -18.93
N VAL A 446 -7.12 -22.39 -18.92
CA VAL A 446 -6.99 -21.55 -17.71
C VAL A 446 -8.36 -20.94 -17.36
N HIS A 447 -9.05 -20.41 -18.37
CA HIS A 447 -10.39 -19.85 -18.17
C HIS A 447 -11.39 -20.90 -17.68
N ASP A 448 -11.29 -22.12 -18.22
CA ASP A 448 -12.12 -23.26 -17.78
C ASP A 448 -12.01 -23.52 -16.29
N ALA A 449 -10.80 -23.30 -15.75
CA ALA A 449 -10.53 -23.45 -14.33
C ALA A 449 -11.02 -22.26 -13.50
N GLY A 450 -11.63 -21.27 -14.15
CA GLY A 450 -12.12 -20.07 -13.47
C GLY A 450 -11.01 -19.09 -13.15
N MET A 451 -9.92 -19.17 -13.90
CA MET A 451 -8.79 -18.26 -13.72
C MET A 451 -8.60 -17.37 -14.94
N ASN A 452 -7.74 -16.37 -14.77
CA ASN A 452 -7.52 -15.32 -15.73
C ASN A 452 -6.01 -15.17 -15.80
N ILE A 453 -5.50 -15.00 -17.01
CA ILE A 453 -4.05 -15.14 -17.20
C ILE A 453 -3.42 -13.82 -17.62
N VAL A 454 -2.28 -13.49 -17.03
CA VAL A 454 -1.50 -12.32 -17.49
C VAL A 454 -0.12 -12.76 -17.98
N LEU A 455 0.44 -12.02 -18.93
CA LEU A 455 1.76 -12.34 -19.48
C LEU A 455 2.80 -11.27 -19.11
N TRP A 456 4.00 -11.72 -18.79
CA TRP A 456 5.11 -10.85 -18.37
C TRP A 456 5.61 -10.00 -19.55
N GLN A 457 5.91 -8.74 -19.25
CA GLN A 457 6.41 -7.78 -20.23
C GLN A 457 7.48 -6.86 -19.62
N VAL A 458 8.26 -6.25 -20.51
CA VAL A 458 9.23 -5.19 -20.18
C VAL A 458 9.04 -4.00 -21.14
N PRO A 459 9.54 -2.80 -20.78
CA PRO A 459 9.35 -1.61 -21.63
C PRO A 459 10.50 -1.38 -22.61
N VAL A 460 11.37 -2.38 -22.72
CA VAL A 460 12.64 -2.25 -23.44
C VAL A 460 12.63 -3.25 -24.59
N LEU A 461 13.20 -2.84 -25.73
CA LEU A 461 13.51 -3.78 -26.79
C LEU A 461 14.91 -4.32 -26.51
N LYS A 462 14.99 -5.63 -26.29
CA LYS A 462 16.21 -6.29 -25.88
C LYS A 462 17.24 -6.20 -27.00
N ASP A 463 18.48 -5.85 -26.66
CA ASP A 463 19.57 -5.91 -27.62
C ASP A 463 20.86 -6.32 -26.92
N ASP A 464 21.16 -7.61 -26.98
CA ASP A 464 22.40 -8.13 -26.38
C ASP A 464 23.49 -8.44 -27.42
N GLY A 465 23.36 -7.85 -28.61
CA GLY A 465 24.35 -8.02 -29.66
C GLY A 465 24.27 -9.32 -30.43
N THR A 466 23.42 -10.26 -30.00
CA THR A 466 23.15 -11.48 -30.77
C THR A 466 22.25 -11.17 -31.98
N VAL A 467 22.39 -11.99 -33.03
CA VAL A 467 21.54 -11.89 -34.22
C VAL A 467 20.21 -12.61 -33.94
N TYR A 468 19.10 -11.92 -34.16
CA TYR A 468 17.77 -12.54 -34.08
C TYR A 468 16.83 -11.76 -34.98
N GLU A 469 16.48 -12.38 -36.11
CA GLU A 469 15.85 -11.67 -37.24
C GLU A 469 14.73 -10.68 -36.86
N GLN A 470 13.69 -11.17 -36.18
CA GLN A 470 12.54 -10.33 -35.85
C GLN A 470 12.89 -9.15 -34.96
N ARG A 471 13.75 -9.42 -33.97
CA ARG A 471 14.19 -8.42 -33.02
C ARG A 471 15.02 -7.34 -33.77
N ASP A 472 15.91 -7.79 -34.65
CA ASP A 472 16.73 -6.90 -35.49
C ASP A 472 15.85 -5.99 -36.39
N ASN A 473 14.86 -6.60 -37.05
CA ASN A 473 13.88 -5.86 -37.84
C ASN A 473 13.15 -4.77 -37.04
N ASP A 474 12.63 -5.17 -35.87
CA ASP A 474 11.91 -4.25 -34.99
C ASP A 474 12.79 -3.10 -34.52
N GLU A 475 14.05 -3.40 -34.20
CA GLU A 475 15.00 -2.40 -33.75
C GLU A 475 15.26 -1.34 -34.83
N GLU A 476 15.51 -1.80 -36.06
CA GLU A 476 15.76 -0.87 -37.16
C GLU A 476 14.57 0.08 -37.37
N TYR A 477 13.35 -0.47 -37.33
CA TYR A 477 12.13 0.32 -37.44
C TYR A 477 11.97 1.32 -36.29
N MET A 478 12.14 0.83 -35.06
CA MET A 478 12.02 1.63 -33.86
C MET A 478 12.93 2.87 -33.90
N ILE A 479 14.19 2.65 -34.27
CA ILE A 479 15.16 3.73 -34.39
C ILE A 479 14.77 4.73 -35.50
N SER A 480 14.47 4.22 -36.71
CA SER A 480 14.12 5.08 -37.85
C SER A 480 12.88 5.96 -37.60
N GLN A 481 11.94 5.45 -36.81
CA GLN A 481 10.71 6.18 -36.48
C GLN A 481 10.85 7.18 -35.34
N GLY A 482 11.96 7.11 -34.63
CA GLY A 482 12.17 7.93 -33.43
C GLY A 482 11.27 7.47 -32.30
N TYR A 483 11.03 6.15 -32.22
CA TYR A 483 10.15 5.57 -31.20
C TYR A 483 10.88 5.27 -29.90
N SER A 484 12.21 5.28 -29.95
CA SER A 484 13.04 5.31 -28.75
C SER A 484 13.05 6.72 -28.18
N ALA A 485 13.55 6.86 -26.94
CA ALA A 485 14.04 8.15 -26.48
C ALA A 485 15.37 8.45 -27.18
N ASP A 486 15.80 9.70 -27.10
CA ASP A 486 17.08 10.09 -27.68
C ASP A 486 18.13 10.21 -26.60
N ASP A 487 19.37 9.84 -26.92
CA ASP A 487 20.45 9.90 -25.93
C ASP A 487 20.96 11.32 -25.70
N GLY A 488 20.53 12.24 -26.58
CA GLY A 488 20.92 13.65 -26.51
C GLY A 488 21.78 14.08 -27.69
N THR A 489 22.21 13.12 -28.49
CA THR A 489 23.08 13.37 -29.65
C THR A 489 22.44 13.00 -30.98
N GLY A 490 21.22 12.48 -30.94
CA GLY A 490 20.53 12.01 -32.13
C GLY A 490 20.53 10.50 -32.29
N ALA A 491 21.07 9.79 -31.29
CA ALA A 491 21.14 8.34 -31.28
C ALA A 491 20.06 7.81 -30.32
N PRO A 492 19.56 6.59 -30.56
CA PRO A 492 18.60 6.02 -29.62
C PRO A 492 19.20 5.82 -28.22
N TYR A 493 18.41 6.12 -27.21
CA TYR A 493 18.82 5.90 -25.82
C TYR A 493 18.83 4.41 -25.53
N ARG A 494 19.94 3.93 -25.00
CA ARG A 494 20.03 2.55 -24.51
C ARG A 494 20.27 2.50 -23.01
N VAL A 495 19.68 1.50 -22.34
CA VAL A 495 19.90 1.23 -20.92
C VAL A 495 21.42 1.03 -20.67
N PRO A 496 21.98 1.67 -19.62
CA PRO A 496 23.43 1.53 -19.36
C PRO A 496 23.85 0.06 -19.28
N ALA A 497 25.03 -0.25 -19.84
CA ALA A 497 25.48 -1.62 -20.13
C ALA A 497 25.44 -2.58 -18.92
N SER A 498 25.67 -2.05 -17.72
CA SER A 498 25.73 -2.86 -16.49
C SER A 498 24.37 -3.23 -15.89
N GLN A 499 23.29 -2.63 -16.38
CA GLN A 499 21.98 -2.77 -15.75
C GLN A 499 21.17 -3.90 -16.36
N TRP A 500 20.01 -4.17 -15.74
CA TRP A 500 19.07 -5.15 -16.24
C TRP A 500 18.63 -4.70 -17.64
N PHE A 501 18.74 -5.59 -18.62
CA PHE A 501 18.49 -5.26 -20.03
C PHE A 501 19.41 -4.14 -20.58
N GLY A 502 20.62 -4.04 -20.00
CA GLY A 502 21.68 -3.18 -20.53
C GLY A 502 21.83 -3.29 -22.04
N ASN A 503 22.05 -2.15 -22.67
CA ASN A 503 22.13 -1.98 -24.13
C ASN A 503 20.77 -2.05 -24.86
N GLY A 504 19.72 -2.40 -24.14
CA GLY A 504 18.38 -2.43 -24.72
C GLY A 504 17.86 -1.01 -24.98
N ILE A 505 16.92 -0.89 -25.89
CA ILE A 505 16.36 0.39 -26.26
C ILE A 505 14.98 0.55 -25.61
N LEU A 506 14.84 1.55 -24.75
CA LEU A 506 13.53 1.82 -24.16
C LEU A 506 12.54 2.38 -25.17
N LEU A 507 11.29 1.91 -25.10
CA LEU A 507 10.21 2.51 -25.88
C LEU A 507 9.85 3.83 -25.21
N ASP A 508 9.76 4.90 -26.01
CA ASP A 508 9.36 6.18 -25.44
C ASP A 508 7.84 6.24 -25.23
N PHE A 509 7.40 5.94 -24.02
CA PHE A 509 5.97 5.93 -23.69
C PHE A 509 5.31 7.30 -23.67
N THR A 510 6.10 8.36 -23.88
CA THR A 510 5.54 9.72 -24.04
C THR A 510 5.08 9.97 -25.48
N ASN A 511 5.46 9.08 -26.38
CA ASN A 511 5.27 9.24 -27.82
C ASN A 511 4.07 8.37 -28.21
N LYS A 512 2.91 9.00 -28.47
CA LYS A 512 1.67 8.26 -28.73
C LYS A 512 1.80 7.28 -29.91
N ASP A 513 2.47 7.71 -30.99
CA ASP A 513 2.74 6.83 -32.13
C ASP A 513 3.61 5.61 -31.75
N ALA A 514 4.62 5.82 -30.91
CA ALA A 514 5.48 4.73 -30.44
C ALA A 514 4.69 3.70 -29.62
N VAL A 515 3.85 4.22 -28.73
CA VAL A 515 2.98 3.39 -27.89
C VAL A 515 2.03 2.58 -28.75
N ASP A 516 1.37 3.25 -29.71
CA ASP A 516 0.47 2.56 -30.64
C ASP A 516 1.18 1.42 -31.37
N TRP A 517 2.40 1.66 -31.83
CA TRP A 517 3.19 0.62 -32.50
C TRP A 517 3.51 -0.53 -31.54
N TRP A 518 4.11 -0.20 -30.41
CA TRP A 518 4.53 -1.22 -29.43
C TRP A 518 3.35 -2.11 -29.04
N THR A 519 2.23 -1.48 -28.67
CA THR A 519 1.03 -2.20 -28.29
C THR A 519 0.41 -2.97 -29.45
N SER A 520 0.46 -2.43 -30.68
CA SER A 520 -0.07 -3.15 -31.85
C SER A 520 0.57 -4.55 -32.02
N GLN A 521 1.83 -4.68 -31.61
CA GLN A 521 2.58 -5.92 -31.74
C GLN A 521 2.06 -6.98 -30.80
N ARG A 522 1.45 -6.52 -29.71
CA ARG A 522 0.84 -7.39 -28.72
C ARG A 522 -0.67 -7.57 -28.88
N GLU A 523 -1.29 -6.88 -29.84
CA GLU A 523 -2.75 -6.93 -30.00
C GLU A 523 -3.30 -8.36 -30.07
N TYR A 524 -2.69 -9.20 -30.90
CA TYR A 524 -3.18 -10.56 -31.11
C TYR A 524 -3.27 -11.40 -29.81
N LEU A 525 -2.44 -11.06 -28.81
CA LEU A 525 -2.45 -11.75 -27.52
C LEU A 525 -3.77 -11.53 -26.80
N LEU A 526 -4.33 -10.35 -27.00
CA LEU A 526 -5.60 -9.97 -26.39
C LEU A 526 -6.79 -10.40 -27.25
N THR A 527 -6.75 -10.08 -28.54
CA THR A 527 -7.92 -10.29 -29.40
C THR A 527 -8.13 -11.78 -29.74
N GLU A 528 -7.03 -12.52 -29.95
CA GLU A 528 -7.11 -13.90 -30.44
C GLU A 528 -6.67 -14.95 -29.42
N VAL A 529 -5.55 -14.70 -28.73
CA VAL A 529 -5.08 -15.63 -27.70
C VAL A 529 -5.97 -15.52 -26.45
N GLY A 530 -6.52 -14.32 -26.23
CA GLY A 530 -7.50 -14.08 -25.17
C GLY A 530 -6.97 -13.86 -23.76
N ILE A 531 -5.76 -13.30 -23.64
CA ILE A 531 -5.20 -13.05 -22.31
C ILE A 531 -5.96 -11.95 -21.54
N ASP A 532 -5.70 -11.88 -20.24
CA ASP A 532 -6.43 -11.03 -19.32
C ASP A 532 -5.58 -9.93 -18.72
N GLY A 533 -4.44 -9.63 -19.35
CA GLY A 533 -3.64 -8.49 -18.92
C GLY A 533 -2.16 -8.82 -18.96
N PHE A 534 -1.39 -7.92 -18.40
CA PHE A 534 0.08 -8.02 -18.45
C PHE A 534 0.69 -7.80 -17.09
N LYS A 535 1.76 -8.55 -16.84
CA LYS A 535 2.64 -8.25 -15.71
C LYS A 535 3.77 -7.39 -16.24
N THR A 536 3.59 -6.09 -16.10
CA THR A 536 4.52 -5.10 -16.64
C THR A 536 5.61 -4.82 -15.62
N ASN A 537 6.71 -5.53 -15.79
CA ASN A 537 7.87 -5.44 -14.91
C ASN A 537 8.83 -4.37 -15.38
N GLY A 538 9.77 -4.02 -14.49
CA GLY A 538 10.79 -3.03 -14.82
C GLY A 538 10.25 -1.61 -14.90
N GLY A 539 10.98 -0.77 -15.62
CA GLY A 539 10.60 0.63 -15.76
C GLY A 539 11.56 1.57 -15.07
N GLU A 540 12.44 1.03 -14.22
CA GLU A 540 13.42 1.85 -13.48
C GLU A 540 14.70 2.00 -14.30
N MET A 541 14.54 2.38 -15.57
CA MET A 541 15.57 2.17 -16.57
C MET A 541 16.01 3.46 -17.27
N VAL A 542 15.51 4.60 -16.82
CA VAL A 542 15.89 5.90 -17.41
C VAL A 542 17.07 6.50 -16.64
N TRP A 543 18.22 6.52 -17.29
CA TRP A 543 19.40 7.22 -16.79
C TRP A 543 19.83 8.30 -17.79
N GLY A 544 20.76 9.14 -17.36
CA GLY A 544 21.44 10.10 -18.25
C GLY A 544 20.68 11.40 -18.23
N ARG A 545 21.39 12.50 -17.99
CA ARG A 545 20.74 13.81 -17.97
C ARG A 545 20.25 14.28 -19.32
N ASP A 546 20.97 13.90 -20.37
CA ASP A 546 20.65 14.41 -21.70
C ASP A 546 19.67 13.53 -22.46
N THR A 547 19.27 12.42 -21.83
CA THR A 547 18.24 11.54 -22.37
C THR A 547 16.97 12.36 -22.60
N THR A 548 16.44 12.33 -23.82
CA THR A 548 15.36 13.24 -24.23
C THR A 548 14.14 12.48 -24.76
N PHE A 549 12.97 12.85 -24.25
CA PHE A 549 11.71 12.21 -24.63
C PHE A 549 10.89 13.09 -25.59
N SER A 550 9.89 12.49 -26.22
CA SER A 550 9.10 13.20 -27.26
C SER A 550 8.32 14.38 -26.71
N ASN A 551 8.04 14.36 -25.40
CA ASN A 551 7.37 15.45 -24.71
C ASN A 551 8.32 16.61 -24.40
N GLY A 552 9.58 16.51 -24.83
CA GLY A 552 10.59 17.55 -24.61
C GLY A 552 11.28 17.48 -23.25
N GLU A 553 10.77 16.63 -22.37
CA GLU A 553 11.38 16.42 -21.05
C GLU A 553 12.62 15.54 -21.13
N LYS A 554 13.50 15.74 -20.16
CA LYS A 554 14.78 15.04 -20.16
C LYS A 554 14.89 14.07 -18.97
N GLY A 555 16.05 13.45 -18.83
CA GLY A 555 16.19 12.28 -17.93
C GLY A 555 15.93 12.57 -16.47
N GLN A 556 16.28 13.77 -16.00
CA GLN A 556 16.03 14.11 -14.59
C GLN A 556 14.55 14.12 -14.28
N GLU A 557 13.78 14.72 -15.17
CA GLU A 557 12.35 14.86 -14.96
C GLU A 557 11.62 13.55 -15.20
N MET A 558 12.13 12.76 -16.14
CA MET A 558 11.42 11.58 -16.61
C MET A 558 11.72 10.30 -15.87
N ARG A 559 12.84 10.22 -15.16
CA ARG A 559 13.16 8.95 -14.48
C ARG A 559 11.99 8.41 -13.63
N ASN A 560 11.42 9.23 -12.74
CA ASN A 560 10.36 8.75 -11.86
C ASN A 560 9.04 8.53 -12.60
N ARG A 561 8.83 9.35 -13.63
CA ARG A 561 7.58 9.33 -14.42
C ARG A 561 7.49 8.16 -15.38
N TYR A 562 8.62 7.82 -16.00
CA TYR A 562 8.66 6.77 -17.03
C TYR A 562 7.92 5.48 -16.65
N PRO A 563 8.21 4.89 -15.45
CA PRO A 563 7.48 3.64 -15.17
C PRO A 563 5.96 3.78 -15.19
N THR A 564 5.43 4.89 -14.69
CA THR A 564 3.97 5.11 -14.70
C THR A 564 3.43 5.38 -16.11
N ASP A 565 4.21 6.03 -16.97
CA ASP A 565 3.81 6.16 -18.37
C ASP A 565 3.72 4.79 -19.04
N TYR A 566 4.71 3.95 -18.77
CA TYR A 566 4.77 2.60 -19.28
C TYR A 566 3.60 1.75 -18.77
N VAL A 567 3.44 1.73 -17.45
CA VAL A 567 2.42 0.86 -16.85
C VAL A 567 1.02 1.30 -17.27
N SER A 568 0.78 2.62 -17.23
CA SER A 568 -0.54 3.13 -17.61
C SER A 568 -0.83 2.87 -19.09
N SER A 569 0.19 2.97 -19.96
CA SER A 569 -0.02 2.73 -21.40
C SER A 569 -0.52 1.32 -21.65
N TYR A 570 0.15 0.35 -21.02
CA TYR A 570 -0.26 -1.05 -21.16
C TYR A 570 -1.62 -1.33 -20.52
N PHE A 571 -1.86 -0.76 -19.34
CA PHE A 571 -3.12 -0.98 -18.62
C PHE A 571 -4.31 -0.50 -19.47
N ASP A 572 -4.19 0.73 -20.00
CA ASP A 572 -5.24 1.32 -20.84
C ASP A 572 -5.43 0.53 -22.13
N PHE A 573 -4.31 0.14 -22.72
CA PHE A 573 -4.36 -0.66 -23.97
C PHE A 573 -5.09 -1.98 -23.77
N ALA A 574 -4.70 -2.74 -22.74
CA ALA A 574 -5.32 -4.04 -22.48
C ALA A 574 -6.82 -3.90 -22.23
N LYS A 575 -7.20 -2.91 -21.42
CA LYS A 575 -8.60 -2.63 -21.09
C LYS A 575 -9.43 -2.22 -22.28
N SER A 576 -8.79 -1.55 -23.24
CA SER A 576 -9.47 -1.11 -24.46
C SER A 576 -10.00 -2.29 -25.28
N ILE A 577 -9.32 -3.43 -25.17
CA ILE A 577 -9.69 -4.66 -25.86
C ILE A 577 -10.50 -5.60 -24.96
N ASN A 578 -10.04 -5.76 -23.73
CA ASN A 578 -10.66 -6.65 -22.76
C ASN A 578 -10.97 -5.85 -21.49
N PRO A 579 -12.24 -5.41 -21.33
CA PRO A 579 -12.59 -4.56 -20.17
C PRO A 579 -12.24 -5.16 -18.79
N GLU A 580 -12.03 -6.48 -18.73
CA GLU A 580 -11.69 -7.18 -17.48
C GLU A 580 -10.20 -7.42 -17.31
N ALA A 581 -9.37 -6.78 -18.14
CA ALA A 581 -7.92 -6.96 -18.09
C ALA A 581 -7.32 -6.21 -16.91
N VAL A 582 -6.30 -6.81 -16.29
CA VAL A 582 -5.67 -6.25 -15.09
C VAL A 582 -4.16 -6.19 -15.32
N SER A 583 -3.51 -5.09 -14.92
CA SER A 583 -2.04 -5.03 -14.86
C SER A 583 -1.48 -5.36 -13.48
N PHE A 584 -0.24 -5.84 -13.46
CA PHE A 584 0.43 -6.28 -12.23
C PHE A 584 1.85 -5.75 -12.42
N SER A 585 2.24 -4.75 -11.62
CA SER A 585 3.49 -3.99 -11.88
C SER A 585 4.23 -3.71 -10.59
N ARG A 586 5.48 -3.24 -10.67
CA ARG A 586 6.23 -2.93 -9.44
C ARG A 586 6.66 -1.49 -9.27
N SER A 587 6.78 -0.75 -10.38
CA SER A 587 7.43 0.56 -10.34
C SER A 587 6.48 1.68 -10.68
N GLY A 588 6.69 2.84 -10.06
CA GLY A 588 5.92 4.02 -10.47
C GLY A 588 6.10 5.20 -9.54
N THR A 589 5.36 6.27 -9.84
CA THR A 589 5.38 7.46 -8.99
C THR A 589 3.93 7.92 -8.75
N SER A 590 3.73 9.17 -8.33
N SER A 590 3.74 9.18 -8.35
CA SER A 590 2.37 9.69 -8.15
CA SER A 590 2.39 9.75 -8.25
C SER A 590 1.52 9.44 -9.41
C SER A 590 1.52 9.42 -9.46
N GLY A 591 0.30 8.94 -9.19
CA GLY A 591 -0.60 8.53 -10.29
C GLY A 591 -0.53 7.04 -10.60
N ALA A 592 0.49 6.34 -10.09
CA ALA A 592 0.60 4.89 -10.29
C ALA A 592 -0.73 4.18 -9.98
N GLN A 593 -1.43 4.69 -8.98
CA GLN A 593 -2.66 4.07 -8.50
C GLN A 593 -3.76 3.96 -9.55
N LYS A 594 -3.70 4.76 -10.61
CA LYS A 594 -4.73 4.69 -11.67
C LYS A 594 -4.65 3.39 -12.46
N SER A 595 -3.53 2.68 -12.37
CA SER A 595 -3.24 1.63 -13.36
C SER A 595 -2.87 0.25 -12.77
N GLY A 596 -3.76 -0.33 -11.97
CA GLY A 596 -3.65 -1.76 -11.62
C GLY A 596 -2.94 -2.10 -10.32
N ILE A 597 -2.46 -3.34 -10.22
CA ILE A 597 -1.89 -3.88 -8.99
C ILE A 597 -0.40 -3.54 -8.92
N TYR A 598 0.10 -3.28 -7.71
CA TYR A 598 1.57 -3.14 -7.51
C TYR A 598 2.02 -4.19 -6.53
N TRP A 599 3.06 -4.94 -6.89
CA TRP A 599 3.66 -5.89 -5.90
C TRP A 599 5.00 -5.41 -5.42
N SER A 600 5.39 -5.87 -4.22
CA SER A 600 6.56 -5.33 -3.50
C SER A 600 7.92 -5.78 -4.02
N GLY A 601 7.94 -6.50 -5.14
CA GLY A 601 9.21 -6.81 -5.80
C GLY A 601 9.95 -8.01 -5.23
N ASP A 602 11.28 -7.96 -5.33
CA ASP A 602 12.10 -9.18 -5.24
C ASP A 602 12.67 -9.30 -3.85
N GLN A 603 12.14 -10.25 -3.08
CA GLN A 603 12.52 -10.43 -1.68
C GLN A 603 12.81 -11.89 -1.35
N THR A 604 13.54 -12.11 -0.27
CA THR A 604 13.91 -13.48 0.12
C THR A 604 12.89 -14.12 1.05
N SER A 605 12.95 -15.44 1.14
CA SER A 605 12.03 -16.21 1.99
C SER A 605 12.50 -16.21 3.44
N THR A 606 12.40 -15.05 4.07
CA THR A 606 12.75 -14.92 5.50
C THR A 606 11.71 -14.07 6.23
N PHE A 607 11.71 -14.17 7.56
CA PHE A 607 10.85 -13.32 8.39
C PHE A 607 11.26 -11.85 8.30
N ASP A 608 12.56 -11.57 8.22
CA ASP A 608 13.00 -10.18 8.00
C ASP A 608 12.39 -9.59 6.72
N SER A 609 12.37 -10.38 5.65
CA SER A 609 11.77 -9.90 4.40
C SER A 609 10.26 -9.71 4.54
N PHE A 610 9.61 -10.64 5.24
CA PHE A 610 8.15 -10.57 5.52
C PHE A 610 7.88 -9.23 6.22
N GLN A 611 8.68 -8.91 7.24
CA GLN A 611 8.55 -7.63 7.95
C GLN A 611 8.67 -6.45 7.01
N ALA A 612 9.63 -6.52 6.09
CA ALA A 612 9.84 -5.41 5.13
C ALA A 612 8.67 -5.31 4.14
N SER A 613 8.13 -6.47 3.71
CA SER A 613 6.97 -6.47 2.82
C SER A 613 5.77 -5.77 3.48
N LEU A 614 5.53 -6.06 4.75
CA LEU A 614 4.40 -5.43 5.42
C LEU A 614 4.61 -3.90 5.51
N LYS A 615 5.83 -3.46 5.81
CA LYS A 615 6.12 -2.01 5.79
C LYS A 615 5.86 -1.39 4.43
N ALA A 616 6.24 -2.13 3.39
CA ALA A 616 6.04 -1.67 2.00
C ALA A 616 4.56 -1.51 1.69
N GLY A 617 3.73 -2.48 2.10
CA GLY A 617 2.28 -2.39 1.86
C GLY A 617 1.61 -1.26 2.64
N LEU A 618 2.05 -1.07 3.88
CA LEU A 618 1.46 -0.03 4.72
C LEU A 618 1.84 1.38 4.27
N SER A 619 3.10 1.57 3.89
CA SER A 619 3.51 2.86 3.35
C SER A 619 2.85 3.14 1.97
N ALA A 620 2.79 2.12 1.11
CA ALA A 620 2.14 2.27 -0.20
C ALA A 620 0.68 2.68 -0.04
N SER A 621 0.01 2.06 0.94
CA SER A 621 -1.38 2.37 1.27
C SER A 621 -1.61 3.85 1.58
N THR A 622 -0.79 4.39 2.47
CA THR A 622 -0.87 5.81 2.84
C THR A 622 -0.64 6.71 1.63
N SER A 623 0.17 6.24 0.68
CA SER A 623 0.55 6.94 -0.54
C SER A 623 -0.48 6.76 -1.67
N GLY A 624 -1.61 6.13 -1.36
CA GLY A 624 -2.71 6.02 -2.33
C GLY A 624 -2.61 4.79 -3.23
N VAL A 625 -1.65 3.91 -2.96
CA VAL A 625 -1.49 2.66 -3.73
C VAL A 625 -2.11 1.56 -2.85
N SER A 626 -3.37 1.26 -3.12
CA SER A 626 -4.19 0.39 -2.27
C SER A 626 -4.17 -1.04 -2.77
N TYR A 627 -4.15 -1.23 -4.09
CA TYR A 627 -4.21 -2.60 -4.64
C TYR A 627 -2.80 -3.16 -4.69
N TRP A 628 -2.33 -3.57 -3.51
CA TRP A 628 -0.95 -3.92 -3.28
C TRP A 628 -0.82 -5.42 -3.02
N ALA A 629 0.22 -6.02 -3.62
CA ALA A 629 0.53 -7.44 -3.46
C ALA A 629 1.96 -7.62 -2.99
N TRP A 630 2.26 -8.83 -2.56
CA TRP A 630 3.65 -9.26 -2.35
C TRP A 630 3.75 -10.72 -2.73
N ASP A 631 4.97 -11.19 -2.98
CA ASP A 631 5.21 -12.63 -3.18
C ASP A 631 5.15 -13.30 -1.82
N MET A 632 4.03 -13.95 -1.48
CA MET A 632 3.86 -14.48 -0.12
C MET A 632 4.98 -15.45 0.22
N ALA A 633 5.60 -15.24 1.39
CA ALA A 633 6.73 -16.05 1.86
C ALA A 633 8.03 -15.89 1.09
N GLY A 634 8.11 -14.89 0.20
CA GLY A 634 9.34 -14.57 -0.56
C GLY A 634 9.46 -15.44 -1.81
N PHE A 635 10.09 -14.91 -2.86
CA PHE A 635 10.12 -15.66 -4.13
C PHE A 635 11.46 -16.36 -4.38
N THR A 636 12.45 -16.04 -3.56
CA THR A 636 13.80 -16.58 -3.75
C THR A 636 14.51 -16.80 -2.41
N GLY A 637 15.73 -17.34 -2.47
CA GLY A 637 16.46 -17.74 -1.29
C GLY A 637 16.11 -19.17 -0.99
N ASP A 638 16.60 -19.67 0.13
CA ASP A 638 16.28 -21.02 0.57
C ASP A 638 14.76 -21.13 0.76
N TYR A 639 14.23 -22.31 0.47
CA TYR A 639 12.77 -22.49 0.46
C TYR A 639 12.22 -22.13 1.84
N PRO A 640 11.05 -21.44 1.91
CA PRO A 640 10.59 -21.01 3.24
C PRO A 640 10.36 -22.21 4.15
N THR A 641 10.54 -21.99 5.46
CA THR A 641 10.17 -23.02 6.41
C THR A 641 8.64 -23.11 6.42
N ALA A 642 8.12 -24.21 6.96
CA ALA A 642 6.67 -24.39 7.07
C ALA A 642 6.06 -23.28 7.91
N GLU A 643 6.78 -22.90 8.98
CA GLU A 643 6.35 -21.80 9.84
C GLU A 643 6.20 -20.50 9.07
N LEU A 644 7.25 -20.11 8.33
CA LEU A 644 7.15 -18.89 7.53
C LEU A 644 6.02 -18.99 6.51
N TYR A 645 5.94 -20.14 5.84
CA TYR A 645 4.93 -20.31 4.80
C TYR A 645 3.52 -20.10 5.40
N LYS A 646 3.27 -20.68 6.58
CA LYS A 646 1.96 -20.59 7.23
C LYS A 646 1.66 -19.17 7.71
N ARG A 647 2.67 -18.50 8.27
CA ARG A 647 2.50 -17.12 8.74
C ARG A 647 2.22 -16.16 7.60
N ALA A 648 2.96 -16.34 6.51
CA ALA A 648 2.82 -15.52 5.31
C ALA A 648 1.46 -15.78 4.63
N THR A 649 1.06 -17.04 4.55
CA THR A 649 -0.25 -17.42 4.00
C THR A 649 -1.38 -16.65 4.69
N ALA A 650 -1.37 -16.66 6.02
CA ALA A 650 -2.45 -16.06 6.80
C ALA A 650 -2.52 -14.54 6.53
N MET A 651 -1.36 -13.89 6.58
CA MET A 651 -1.32 -12.45 6.31
C MET A 651 -1.77 -12.18 4.86
N ALA A 652 -1.27 -12.97 3.91
CA ALA A 652 -1.54 -12.73 2.47
C ALA A 652 -3.02 -12.84 2.16
N ALA A 653 -3.70 -13.78 2.82
CA ALA A 653 -5.14 -13.99 2.63
C ALA A 653 -5.92 -12.79 3.18
N PHE A 654 -5.30 -12.02 4.07
CA PHE A 654 -5.89 -10.78 4.63
C PHE A 654 -5.15 -9.53 4.17
N ALA A 655 -4.66 -9.57 2.92
CA ALA A 655 -4.01 -8.39 2.32
C ALA A 655 -4.75 -8.03 1.03
N PRO A 656 -4.47 -6.83 0.45
CA PRO A 656 -5.30 -6.40 -0.69
C PRO A 656 -5.28 -7.38 -1.87
N ILE A 657 -4.09 -7.87 -2.22
CA ILE A 657 -3.91 -8.83 -3.32
C ILE A 657 -3.08 -10.01 -2.82
N MET A 658 -3.59 -11.21 -3.03
CA MET A 658 -2.96 -12.45 -2.56
C MET A 658 -2.32 -13.17 -3.75
N GLN A 659 -1.01 -13.44 -3.66
CA GLN A 659 -0.26 -13.95 -4.83
C GLN A 659 0.98 -14.73 -4.36
N PHE A 660 1.16 -15.96 -4.85
CA PHE A 660 2.46 -16.67 -4.67
C PHE A 660 3.26 -16.64 -5.95
N HIS A 661 4.58 -16.73 -5.80
CA HIS A 661 5.49 -16.55 -6.93
C HIS A 661 6.87 -17.13 -6.56
N SER A 662 7.65 -17.47 -7.59
CA SER A 662 9.00 -17.97 -7.37
C SER A 662 9.93 -17.52 -8.48
N GLU A 663 11.18 -17.30 -8.11
CA GLU A 663 12.19 -16.77 -9.02
C GLU A 663 12.80 -17.75 -10.04
N LYS A 664 13.15 -18.95 -9.59
CA LYS A 664 14.07 -19.80 -10.38
C LYS A 664 13.43 -20.32 -11.66
N SER A 665 14.23 -20.36 -12.73
CA SER A 665 13.68 -20.65 -14.06
C SER A 665 13.59 -22.15 -14.38
N ASP A 666 14.49 -22.96 -13.83
CA ASP A 666 14.47 -24.42 -14.11
C ASP A 666 15.09 -25.19 -12.93
N PRO A 667 14.49 -25.06 -11.74
CA PRO A 667 15.11 -25.65 -10.58
C PRO A 667 14.75 -27.13 -10.42
N SER A 668 15.57 -27.86 -9.65
CA SER A 668 15.25 -29.21 -9.27
C SER A 668 15.75 -29.36 -7.83
N PRO A 669 14.87 -29.55 -6.84
CA PRO A 669 13.41 -29.67 -7.01
C PRO A 669 12.70 -28.34 -7.27
N SER A 670 11.41 -28.41 -7.54
CA SER A 670 10.60 -27.23 -7.82
C SER A 670 10.72 -26.18 -6.73
N GLU A 671 10.76 -24.92 -7.15
CA GLU A 671 10.75 -23.79 -6.24
C GLU A 671 9.38 -23.14 -6.08
N GLU A 672 8.32 -23.72 -6.65
CA GLU A 672 6.98 -23.11 -6.52
C GLU A 672 6.64 -22.83 -5.06
N ARG A 673 6.13 -21.61 -4.81
CA ARG A 673 5.57 -21.29 -3.50
C ARG A 673 4.08 -21.63 -3.44
N SER A 674 3.66 -22.62 -4.22
CA SER A 674 2.31 -23.15 -4.14
C SER A 674 2.16 -23.99 -2.86
N PRO A 675 0.91 -24.18 -2.36
CA PRO A 675 0.78 -24.95 -1.11
C PRO A 675 1.15 -26.42 -1.28
N TRP A 676 0.85 -27.00 -2.44
CA TRP A 676 1.21 -28.40 -2.70
C TRP A 676 2.74 -28.59 -2.77
N ASN A 677 3.44 -27.66 -3.42
CA ASN A 677 4.91 -27.73 -3.40
C ASN A 677 5.52 -27.44 -2.05
N ALA A 678 4.87 -26.58 -1.26
CA ALA A 678 5.36 -26.29 0.09
C ALA A 678 5.30 -27.56 0.95
N VAL A 679 4.19 -28.31 0.85
CA VAL A 679 4.07 -29.63 1.48
C VAL A 679 5.24 -30.53 1.02
N ALA A 680 5.48 -30.61 -0.29
CA ALA A 680 6.54 -31.48 -0.84
C ALA A 680 7.93 -31.10 -0.32
N ARG A 681 8.26 -29.80 -0.34
CA ARG A 681 9.59 -29.31 0.04
C ARG A 681 9.89 -29.38 1.54
N THR A 682 8.89 -29.08 2.37
CA THR A 682 9.09 -29.05 3.83
C THR A 682 8.76 -30.38 4.51
N GLY A 683 7.97 -31.22 3.85
CA GLY A 683 7.50 -32.46 4.45
C GLY A 683 6.35 -32.26 5.42
N ASP A 684 5.87 -31.01 5.56
CA ASP A 684 4.82 -30.71 6.52
C ASP A 684 3.45 -30.71 5.84
N GLU A 685 2.73 -31.84 5.96
CA GLU A 685 1.43 -32.02 5.31
C GLU A 685 0.37 -31.02 5.80
N THR A 686 0.53 -30.52 7.04
CA THR A 686 -0.46 -29.60 7.62
C THR A 686 -0.48 -28.21 6.94
N ILE A 687 0.51 -27.94 6.09
CA ILE A 687 0.51 -26.69 5.29
C ILE A 687 -0.75 -26.59 4.43
N LEU A 688 -1.14 -27.71 3.81
CA LEU A 688 -2.30 -27.70 2.93
C LEU A 688 -3.61 -27.27 3.62
N PRO A 689 -4.00 -27.93 4.74
CA PRO A 689 -5.24 -27.49 5.41
C PRO A 689 -5.18 -26.06 5.96
N THR A 690 -3.99 -25.63 6.39
CA THR A 690 -3.82 -24.25 6.86
C THR A 690 -3.97 -23.26 5.69
N PHE A 691 -3.33 -23.56 4.57
CA PHE A 691 -3.50 -22.73 3.36
C PHE A 691 -4.97 -22.68 2.93
N GLN A 692 -5.62 -23.83 2.85
CA GLN A 692 -7.05 -23.90 2.51
C GLN A 692 -7.90 -23.07 3.46
N LYS A 693 -7.63 -23.16 4.76
CA LYS A 693 -8.40 -22.38 5.74
C LYS A 693 -8.35 -20.91 5.37
N TYR A 694 -7.16 -20.39 5.14
CA TYR A 694 -6.99 -18.97 4.85
C TYR A 694 -7.52 -18.56 3.47
N LEU A 695 -7.23 -19.36 2.44
CA LEU A 695 -7.80 -19.07 1.13
C LEU A 695 -9.33 -19.11 1.16
N TYR A 696 -9.91 -20.13 1.80
CA TYR A 696 -11.38 -20.21 1.87
C TYR A 696 -11.96 -19.06 2.67
N THR A 697 -11.28 -18.69 3.75
CA THR A 697 -11.71 -17.50 4.52
C THR A 697 -11.74 -16.26 3.64
N ARG A 698 -10.69 -16.07 2.83
CA ARG A 698 -10.64 -14.92 1.93
C ARG A 698 -11.82 -14.98 0.95
N MET A 699 -12.12 -16.16 0.42
CA MET A 699 -13.26 -16.28 -0.47
C MET A 699 -14.59 -16.04 0.27
N ASN A 700 -14.67 -16.45 1.53
CA ASN A 700 -15.87 -16.14 2.36
C ASN A 700 -16.03 -14.63 2.54
N LEU A 701 -14.90 -13.94 2.69
CA LEU A 701 -14.89 -12.48 2.88
C LEU A 701 -14.83 -11.68 1.60
N LEU A 702 -14.81 -12.36 0.46
CA LEU A 702 -14.70 -11.63 -0.82
C LEU A 702 -15.75 -10.53 -1.04
N PRO A 703 -17.02 -10.73 -0.58
CA PRO A 703 -17.95 -9.59 -0.77
C PRO A 703 -17.54 -8.32 0.00
N TYR A 704 -16.99 -8.51 1.20
CA TYR A 704 -16.46 -7.44 2.03
C TYR A 704 -15.19 -6.84 1.41
N ILE A 705 -14.27 -7.72 0.99
CA ILE A 705 -13.02 -7.29 0.36
C ILE A 705 -13.28 -6.48 -0.91
N TYR A 706 -14.21 -6.94 -1.73
CA TYR A 706 -14.46 -6.26 -2.99
C TYR A 706 -15.20 -4.95 -2.77
N THR A 707 -16.08 -4.90 -1.77
CA THR A 707 -16.69 -3.62 -1.42
C THR A 707 -15.61 -2.64 -0.96
N ALA A 708 -14.63 -3.13 -0.21
CA ALA A 708 -13.51 -2.26 0.19
C ALA A 708 -12.70 -1.79 -1.01
N ALA A 709 -12.53 -2.66 -2.01
CA ALA A 709 -11.84 -2.27 -3.25
C ALA A 709 -12.57 -1.11 -3.95
N LYS A 710 -13.89 -1.17 -3.98
CA LYS A 710 -14.68 -0.10 -4.56
C LYS A 710 -14.57 1.18 -3.75
N ASP A 711 -14.51 1.05 -2.43
CA ASP A 711 -14.36 2.21 -1.54
C ASP A 711 -13.02 2.92 -1.76
N THR A 712 -11.99 2.14 -2.10
CA THR A 712 -10.70 2.76 -2.52
C THR A 712 -10.91 3.63 -3.76
N ALA A 713 -11.57 3.05 -4.76
CA ALA A 713 -11.73 3.72 -6.06
C ALA A 713 -12.61 4.95 -5.93
N ASP A 714 -13.66 4.84 -5.12
CA ASP A 714 -14.62 5.95 -4.95
C ASP A 714 -14.17 7.01 -3.94
N ASN A 715 -13.63 6.57 -2.81
CA ASN A 715 -13.42 7.44 -1.65
C ASN A 715 -12.00 7.54 -1.15
N GLY A 716 -11.07 6.94 -1.90
CA GLY A 716 -9.64 7.04 -1.55
C GLY A 716 -9.20 6.33 -0.29
N LYS A 717 -10.06 5.47 0.28
CA LYS A 717 -9.72 4.73 1.48
C LYS A 717 -9.01 3.43 1.09
N SER A 718 -7.72 3.32 1.42
CA SER A 718 -6.98 2.12 1.06
C SER A 718 -7.51 0.90 1.79
N MET A 719 -7.32 -0.28 1.19
CA MET A 719 -7.85 -1.52 1.74
C MET A 719 -7.14 -1.96 3.02
N MET A 720 -5.83 -1.80 3.05
CA MET A 720 -5.03 -2.21 4.20
C MET A 720 -4.36 -0.97 4.73
N ARG A 721 -4.55 -0.63 6.00
CA ARG A 721 -4.06 0.66 6.52
C ARG A 721 -3.31 0.53 7.84
N GLN A 722 -2.25 1.30 7.97
CA GLN A 722 -1.47 1.39 9.21
C GLN A 722 -2.41 2.03 10.25
N MET A 723 -2.23 1.67 11.53
CA MET A 723 -3.25 2.03 12.55
C MET A 723 -3.50 3.53 12.70
N ALA A 724 -2.46 4.33 12.52
CA ALA A 724 -2.56 5.78 12.69
C ALA A 724 -3.37 6.45 11.56
N MET A 725 -3.65 5.72 10.48
CA MET A 725 -4.56 6.25 9.44
C MET A 725 -5.98 6.34 9.95
N ASP A 726 -6.37 5.44 10.85
CA ASP A 726 -7.72 5.50 11.43
C ASP A 726 -7.75 6.14 12.81
N TYR A 727 -6.60 6.14 13.48
CA TYR A 727 -6.51 6.61 14.89
C TYR A 727 -5.30 7.54 15.08
N PRO A 728 -5.31 8.72 14.42
CA PRO A 728 -4.09 9.51 14.41
C PRO A 728 -3.71 10.14 15.75
N GLU A 729 -4.69 10.31 16.63
CA GLU A 729 -4.41 10.90 17.96
C GLU A 729 -3.94 9.88 18.97
N ASP A 730 -4.08 8.60 18.63
CA ASP A 730 -3.76 7.52 19.55
C ASP A 730 -2.26 7.29 19.60
N VAL A 731 -1.66 7.68 20.73
CA VAL A 731 -0.20 7.61 20.88
C VAL A 731 0.38 6.19 20.70
N ASN A 732 -0.45 5.19 20.99
CA ASN A 732 0.02 3.81 20.87
C ASN A 732 -0.01 3.28 19.44
N ALA A 733 -0.72 3.98 18.56
CA ALA A 733 -0.92 3.55 17.16
C ALA A 733 0.19 4.03 16.23
N ARG A 734 1.02 4.95 16.71
CA ARG A 734 1.90 5.76 15.86
C ARG A 734 2.92 4.96 15.07
N ASP A 735 3.53 3.95 15.69
CA ASP A 735 4.66 3.29 15.07
C ASP A 735 4.39 1.82 14.69
N LEU A 736 3.16 1.37 14.91
CA LEU A 736 2.82 -0.03 14.73
C LEU A 736 2.98 -0.49 13.30
N ASP A 737 3.75 -1.56 13.11
CA ASP A 737 4.02 -2.08 11.76
C ASP A 737 3.80 -3.58 11.65
N GLU A 738 3.16 -4.18 12.67
CA GLU A 738 2.89 -5.61 12.67
C GLU A 738 1.40 -5.91 12.89
N GLN A 739 0.59 -4.91 12.60
CA GLN A 739 -0.87 -5.08 12.55
C GLN A 739 -1.41 -3.98 11.65
N TYR A 740 -2.68 -4.11 11.26
CA TYR A 740 -3.28 -3.12 10.37
C TYR A 740 -4.77 -3.27 10.31
N MET A 741 -5.42 -2.27 9.74
CA MET A 741 -6.87 -2.37 9.47
C MET A 741 -7.04 -2.90 8.06
N PHE A 742 -8.06 -3.74 7.87
CA PHE A 742 -8.33 -4.33 6.57
C PHE A 742 -9.80 -4.10 6.27
N GLY A 743 -10.09 -3.36 5.19
CA GLY A 743 -11.44 -2.76 4.99
C GLY A 743 -11.72 -1.79 6.15
N ASP A 744 -12.99 -1.47 6.40
CA ASP A 744 -13.31 -0.50 7.46
C ASP A 744 -13.25 -1.12 8.85
N ASP A 745 -13.47 -2.44 8.92
CA ASP A 745 -13.89 -3.06 10.18
C ASP A 745 -12.98 -4.08 10.83
N LEU A 746 -11.99 -4.59 10.09
CA LEU A 746 -11.20 -5.72 10.60
C LEU A 746 -9.84 -5.25 11.00
N LEU A 747 -9.46 -5.61 12.23
CA LEU A 747 -8.10 -5.38 12.69
C LEU A 747 -7.35 -6.70 12.57
N VAL A 748 -6.29 -6.70 11.75
CA VAL A 748 -5.54 -7.94 11.49
C VAL A 748 -4.15 -7.82 12.11
N ALA A 749 -3.71 -8.87 12.81
CA ALA A 749 -2.41 -8.84 13.48
C ALA A 749 -1.54 -10.05 13.11
N PRO A 750 -0.85 -9.97 11.94
CA PRO A 750 -0.09 -11.17 11.56
C PRO A 750 1.13 -11.37 12.46
N ILE A 751 1.58 -12.61 12.54
CA ILE A 751 2.77 -12.93 13.33
C ILE A 751 3.93 -12.91 12.35
N VAL A 752 4.79 -11.89 12.48
CA VAL A 752 5.89 -11.70 11.50
C VAL A 752 7.26 -11.90 12.15
N GLN A 753 7.25 -12.53 13.32
CA GLN A 753 8.49 -12.87 14.03
C GLN A 753 8.64 -14.36 14.15
N GLU A 754 9.83 -14.83 13.78
CA GLU A 754 10.18 -16.25 13.84
C GLU A 754 10.09 -16.77 15.28
N GLY A 755 9.44 -17.92 15.45
CA GLY A 755 9.25 -18.57 16.76
C GLY A 755 8.19 -17.97 17.66
N GLN A 756 7.51 -16.89 17.22
CA GLN A 756 6.57 -16.21 18.09
C GLN A 756 5.22 -16.94 18.12
N THR A 757 4.68 -17.12 19.32
CA THR A 757 3.30 -17.58 19.50
C THR A 757 2.49 -16.68 20.45
N GLU A 758 3.14 -15.79 21.20
CA GLU A 758 2.39 -14.82 22.00
C GLU A 758 2.43 -13.48 21.28
N LYS A 759 1.31 -13.14 20.63
CA LYS A 759 1.26 -11.97 19.75
C LYS A 759 0.63 -10.78 20.48
N GLU A 760 1.38 -9.67 20.56
CA GLU A 760 0.82 -8.44 21.12
C GLU A 760 -0.06 -7.80 20.07
N VAL A 761 -1.27 -7.38 20.46
CA VAL A 761 -2.16 -6.67 19.55
C VAL A 761 -2.60 -5.39 20.23
N TYR A 762 -2.30 -4.24 19.63
CA TYR A 762 -2.80 -3.00 20.23
C TYR A 762 -4.25 -2.80 19.77
N LEU A 763 -5.17 -2.66 20.74
CA LEU A 763 -6.56 -2.40 20.42
C LEU A 763 -6.91 -0.95 20.74
N PRO A 764 -7.26 -0.17 19.70
CA PRO A 764 -7.74 1.19 19.95
C PRO A 764 -9.04 1.19 20.73
N GLU A 765 -9.42 2.37 21.26
CA GLU A 765 -10.59 2.47 22.11
C GLU A 765 -11.83 1.97 21.35
N GLY A 766 -12.74 1.31 22.07
CA GLY A 766 -13.95 0.70 21.47
C GLY A 766 -13.89 -0.80 21.68
N GLU A 767 -14.87 -1.55 21.20
CA GLU A 767 -14.91 -2.99 21.49
C GLU A 767 -14.52 -3.78 20.24
N TRP A 768 -13.69 -4.81 20.40
CA TRP A 768 -13.17 -5.62 19.31
C TRP A 768 -13.54 -7.06 19.56
N VAL A 769 -14.08 -7.75 18.55
CA VAL A 769 -14.53 -9.11 18.75
C VAL A 769 -13.74 -10.02 17.81
N ASP A 770 -13.16 -11.08 18.37
CA ASP A 770 -12.41 -12.08 17.62
C ASP A 770 -13.35 -12.73 16.59
N ILE A 771 -13.05 -12.60 15.31
CA ILE A 771 -13.98 -13.09 14.27
C ILE A 771 -14.09 -14.62 14.18
N TRP A 772 -13.13 -15.32 14.77
CA TRP A 772 -13.05 -16.78 14.64
C TRP A 772 -13.88 -17.48 15.70
N ASN A 773 -14.06 -16.84 16.86
CA ASN A 773 -14.58 -17.51 18.05
C ASN A 773 -15.50 -16.69 18.97
N GLY A 774 -15.68 -15.39 18.69
CA GLY A 774 -16.54 -14.56 19.52
C GLY A 774 -15.94 -14.05 20.83
N GLY A 775 -14.62 -14.18 21.00
CA GLY A 775 -13.95 -13.59 22.17
C GLY A 775 -14.08 -12.08 22.14
N VAL A 776 -14.51 -11.50 23.24
CA VAL A 776 -14.74 -10.05 23.28
C VAL A 776 -13.51 -9.37 23.89
N HIS A 777 -13.05 -8.28 23.27
CA HIS A 777 -11.87 -7.57 23.77
C HIS A 777 -12.13 -6.05 23.79
N PRO A 778 -12.41 -5.50 24.98
CA PRO A 778 -12.43 -4.04 25.16
C PRO A 778 -11.14 -3.36 24.69
N GLY A 779 -11.28 -2.26 23.96
CA GLY A 779 -10.13 -1.53 23.44
C GLY A 779 -9.41 -0.67 24.46
N GLY A 780 -8.34 -0.04 24.00
CA GLY A 780 -7.57 0.89 24.86
C GLY A 780 -6.35 0.32 25.59
N GLU A 781 -5.85 -0.83 25.12
N GLU A 781 -5.81 -0.80 25.09
CA GLU A 781 -4.68 -1.49 25.70
CA GLU A 781 -4.66 -1.47 25.69
C GLU A 781 -4.09 -2.46 24.69
C GLU A 781 -4.06 -2.41 24.66
N THR A 782 -2.89 -2.95 24.98
CA THR A 782 -2.24 -3.97 24.17
C THR A 782 -2.58 -5.30 24.84
N ILE A 783 -3.20 -6.18 24.07
CA ILE A 783 -3.52 -7.52 24.59
C ILE A 783 -2.44 -8.51 24.13
N SER A 784 -2.39 -9.66 24.83
CA SER A 784 -1.54 -10.78 24.39
C SER A 784 -2.46 -11.87 23.86
N TYR A 785 -2.29 -12.22 22.60
CA TYR A 785 -3.11 -13.23 21.94
C TYR A 785 -2.25 -14.46 21.66
N TYR A 786 -2.68 -15.63 22.17
CA TYR A 786 -1.95 -16.85 21.85
C TYR A 786 -2.32 -17.29 20.44
N ALA A 787 -1.31 -17.33 19.57
CA ALA A 787 -1.53 -17.75 18.19
C ALA A 787 -0.49 -18.79 17.81
N ASP A 788 -0.91 -20.05 17.77
CA ASP A 788 -0.03 -21.09 17.24
C ASP A 788 0.16 -20.84 15.75
N VAL A 789 0.96 -21.67 15.11
CA VAL A 789 1.39 -21.44 13.72
C VAL A 789 0.24 -21.39 12.70
N ASP A 790 -0.92 -21.96 13.07
CA ASP A 790 -2.07 -21.99 12.18
C ASP A 790 -3.07 -20.87 12.42
N THR A 791 -2.76 -20.00 13.39
CA THR A 791 -3.73 -19.04 13.94
C THR A 791 -3.35 -17.59 13.61
N LEU A 792 -4.35 -16.81 13.21
CA LEU A 792 -4.16 -15.39 12.91
C LEU A 792 -5.16 -14.56 13.72
N PRO A 793 -4.68 -13.66 14.61
CA PRO A 793 -5.65 -12.79 15.34
C PRO A 793 -6.32 -11.81 14.38
N VAL A 794 -7.65 -11.87 14.27
CA VAL A 794 -8.41 -10.90 13.46
C VAL A 794 -9.66 -10.51 14.27
N PHE A 795 -9.92 -9.21 14.37
CA PHE A 795 -11.01 -8.69 15.20
C PHE A 795 -11.90 -7.73 14.43
N ALA A 796 -13.20 -7.80 14.70
CA ALA A 796 -14.15 -6.86 14.10
C ALA A 796 -14.46 -5.73 15.06
N LYS A 797 -14.49 -4.53 14.51
CA LYS A 797 -14.83 -3.28 15.21
C LYS A 797 -16.30 -3.27 15.59
N ALA A 798 -16.63 -2.63 16.71
CA ALA A 798 -18.02 -2.47 17.15
C ALA A 798 -18.86 -1.83 16.05
N GLY A 799 -20.03 -2.40 15.79
CA GLY A 799 -20.94 -1.84 14.78
C GLY A 799 -20.71 -2.41 13.40
N ALA A 800 -19.67 -3.23 13.22
CA ALA A 800 -19.33 -3.82 11.90
C ALA A 800 -20.49 -4.58 11.29
N ILE A 801 -20.66 -4.38 9.98
CA ILE A 801 -21.59 -5.14 9.14
C ILE A 801 -20.71 -5.69 8.03
N ILE A 802 -20.49 -7.00 8.03
CA ILE A 802 -19.50 -7.63 7.13
C ILE A 802 -20.20 -8.62 6.18
N PRO A 803 -20.28 -8.30 4.88
CA PRO A 803 -20.89 -9.23 3.91
C PRO A 803 -19.97 -10.41 3.64
N MET A 804 -20.56 -11.59 3.53
CA MET A 804 -19.80 -12.82 3.37
C MET A 804 -20.49 -13.76 2.41
N ASN A 805 -19.71 -14.62 1.77
CA ASN A 805 -20.24 -15.66 0.90
C ASN A 805 -19.92 -16.99 1.59
N MET A 806 -20.95 -17.63 2.13
N MET A 806 -20.94 -17.65 2.13
CA MET A 806 -20.77 -18.83 3.00
CA MET A 806 -20.74 -18.84 2.95
C MET A 806 -21.38 -20.08 2.37
C MET A 806 -21.38 -20.08 2.37
N THR A 807 -20.87 -21.25 2.79
CA THR A 807 -21.49 -22.53 2.42
C THR A 807 -22.65 -22.79 3.38
N ASP A 808 -23.37 -23.91 3.18
CA ASP A 808 -24.38 -24.32 4.15
C ASP A 808 -23.82 -24.63 5.55
N GLY A 809 -22.49 -24.72 5.67
CA GLY A 809 -21.84 -24.91 6.96
C GLY A 809 -21.76 -23.64 7.79
N TYR A 810 -21.79 -22.49 7.11
CA TYR A 810 -21.85 -21.17 7.76
C TYR A 810 -20.67 -20.85 8.72
N GLN A 811 -19.53 -21.52 8.54
CA GLN A 811 -18.34 -21.17 9.30
C GLN A 811 -17.31 -20.52 8.38
N LEU A 812 -16.48 -19.63 8.94
CA LEU A 812 -15.34 -19.09 8.18
C LEU A 812 -14.38 -20.22 7.84
N GLY A 813 -13.81 -20.17 6.64
CA GLY A 813 -12.84 -21.19 6.23
C GLY A 813 -13.42 -22.39 5.51
N GLN A 814 -14.65 -22.26 4.99
CA GLN A 814 -15.30 -23.32 4.22
C GLN A 814 -15.41 -22.90 2.75
N ASN A 815 -15.01 -23.81 1.87
CA ASN A 815 -14.78 -23.52 0.44
C ASN A 815 -16.07 -23.20 -0.32
N VAL A 816 -16.19 -21.96 -0.80
CA VAL A 816 -17.30 -21.55 -1.68
C VAL A 816 -16.94 -21.54 -3.18
N GLY A 817 -15.70 -21.93 -3.49
CA GLY A 817 -15.27 -22.05 -4.88
C GLY A 817 -14.93 -20.68 -5.44
N ASN A 818 -14.74 -20.62 -6.75
CA ASN A 818 -14.32 -19.37 -7.40
C ASN A 818 -15.28 -18.89 -8.48
N ASP A 819 -16.55 -19.33 -8.45
CA ASP A 819 -17.50 -18.87 -9.47
C ASP A 819 -18.01 -17.53 -8.99
N LEU A 820 -17.52 -16.47 -9.64
CA LEU A 820 -17.79 -15.10 -9.24
C LEU A 820 -19.11 -14.54 -9.79
N LYS A 821 -19.91 -15.40 -10.45
CA LYS A 821 -21.19 -15.00 -11.04
C LYS A 821 -22.37 -15.15 -10.08
N SER A 822 -22.14 -15.79 -8.94
CA SER A 822 -23.21 -16.03 -7.94
C SER A 822 -22.63 -16.19 -6.54
N TYR A 823 -23.48 -16.00 -5.54
CA TYR A 823 -23.12 -16.35 -4.17
C TYR A 823 -23.66 -17.74 -3.86
N ASP A 824 -23.06 -18.37 -2.87
CA ASP A 824 -23.63 -19.57 -2.29
C ASP A 824 -24.72 -19.08 -1.31
N ASN A 825 -24.34 -18.83 -0.06
CA ASN A 825 -25.22 -18.16 0.93
C ASN A 825 -24.70 -16.77 1.25
N LEU A 826 -25.35 -15.75 0.69
CA LEU A 826 -24.95 -14.36 1.00
C LEU A 826 -25.35 -14.09 2.44
N THR A 827 -24.36 -13.64 3.22
CA THR A 827 -24.44 -13.59 4.68
C THR A 827 -23.91 -12.24 5.14
N PHE A 828 -24.51 -11.67 6.20
CA PHE A 828 -23.97 -10.45 6.79
C PHE A 828 -23.71 -10.70 8.26
N ARG A 829 -22.44 -10.64 8.64
CA ARG A 829 -22.01 -10.75 10.02
C ARG A 829 -22.11 -9.37 10.66
N VAL A 830 -22.80 -9.30 11.81
CA VAL A 830 -23.16 -8.04 12.45
C VAL A 830 -22.73 -8.06 13.91
N TYR A 831 -21.99 -7.03 14.32
CA TYR A 831 -21.61 -6.82 15.72
C TYR A 831 -22.34 -5.58 16.19
N PRO A 832 -23.57 -5.75 16.74
CA PRO A 832 -24.40 -4.57 17.03
C PRO A 832 -23.77 -3.64 18.06
N SER A 833 -23.77 -2.35 17.73
CA SER A 833 -23.28 -1.29 18.61
C SER A 833 -23.89 0.02 18.15
N GLY A 834 -24.90 0.49 18.87
CA GLY A 834 -25.65 1.69 18.45
C GLY A 834 -26.20 1.54 17.04
N ASP A 835 -26.22 2.64 16.29
CA ASP A 835 -26.73 2.64 14.92
C ASP A 835 -25.58 2.58 13.98
N SER A 836 -25.57 1.57 13.13
CA SER A 836 -24.54 1.47 12.11
C SER A 836 -25.14 1.21 10.75
N GLU A 837 -24.39 1.59 9.72
CA GLU A 837 -24.87 1.48 8.36
C GLU A 837 -23.73 1.02 7.48
N TYR A 838 -24.08 0.35 6.40
CA TYR A 838 -23.08 -0.15 5.48
C TYR A 838 -23.65 -0.19 4.07
N SER A 839 -22.84 0.25 3.11
N SER A 839 -22.85 0.24 3.10
CA SER A 839 -23.23 0.20 1.70
CA SER A 839 -23.24 0.20 1.68
C SER A 839 -22.48 -0.95 1.05
C SER A 839 -22.51 -0.91 0.96
N PHE A 840 -23.21 -2.02 0.76
CA PHE A 840 -22.63 -3.21 0.12
C PHE A 840 -22.64 -3.10 -1.41
N TYR A 841 -21.48 -3.33 -2.02
CA TYR A 841 -21.35 -3.36 -3.47
C TYR A 841 -21.67 -4.74 -3.99
N ASP A 842 -22.88 -4.89 -4.53
CA ASP A 842 -23.36 -6.20 -4.92
C ASP A 842 -22.97 -6.47 -6.39
N ASP A 843 -21.72 -6.90 -6.57
CA ASP A 843 -21.13 -7.13 -7.91
C ASP A 843 -21.85 -8.26 -8.67
N VAL A 844 -22.38 -9.23 -7.94
CA VAL A 844 -23.09 -10.36 -8.55
C VAL A 844 -24.32 -9.86 -9.31
N ASN A 845 -24.96 -8.83 -8.77
CA ASN A 845 -26.21 -8.32 -9.27
C ASN A 845 -26.12 -6.91 -9.84
N GLY A 846 -25.22 -6.73 -10.81
CA GLY A 846 -25.14 -5.52 -11.62
C GLY A 846 -24.49 -4.34 -10.91
N GLY A 847 -23.82 -4.62 -9.80
CA GLY A 847 -23.11 -3.59 -9.05
C GLY A 847 -24.02 -2.67 -8.24
N GLU A 848 -25.23 -3.11 -7.92
CA GLU A 848 -26.17 -2.33 -7.10
C GLU A 848 -25.55 -2.09 -5.74
N MET A 849 -25.64 -0.86 -5.22
CA MET A 849 -25.32 -0.62 -3.81
C MET A 849 -26.50 -1.03 -2.94
N ARG A 850 -26.27 -1.88 -1.95
CA ARG A 850 -27.32 -2.31 -1.03
C ARG A 850 -27.02 -1.67 0.31
N ASP A 851 -27.92 -0.78 0.74
CA ASP A 851 -27.73 -0.02 1.97
C ASP A 851 -28.39 -0.75 3.14
N ILE A 852 -27.56 -1.26 4.05
CA ILE A 852 -28.02 -2.04 5.20
C ILE A 852 -27.81 -1.19 6.43
N SER A 853 -28.79 -1.17 7.33
N SER A 853 -28.81 -1.19 7.31
CA SER A 853 -28.60 -0.47 8.60
CA SER A 853 -28.73 -0.47 8.58
C SER A 853 -29.05 -1.33 9.76
C SER A 853 -28.99 -1.42 9.74
N VAL A 854 -28.35 -1.16 10.88
CA VAL A 854 -28.57 -1.95 12.09
C VAL A 854 -28.80 -0.96 13.22
N SER A 855 -29.83 -1.22 14.02
CA SER A 855 -30.09 -0.42 15.21
C SER A 855 -30.10 -1.31 16.44
N GLU A 856 -28.98 -1.24 17.17
CA GLU A 856 -28.78 -1.99 18.39
C GLU A 856 -29.53 -1.32 19.52
N ASP A 857 -30.38 -2.10 20.20
CA ASP A 857 -31.19 -1.60 21.31
C ASP A 857 -31.25 -2.66 22.42
N PHE A 858 -30.08 -3.15 22.82
CA PHE A 858 -29.97 -4.16 23.89
C PHE A 858 -30.63 -3.72 25.21
N ALA A 859 -30.63 -2.42 25.46
CA ALA A 859 -31.26 -1.86 26.65
C ALA A 859 -32.75 -2.23 26.70
N ASN A 860 -33.35 -2.43 25.53
CA ASN A 860 -34.72 -2.92 25.40
C ASN A 860 -34.80 -4.33 24.79
N GLU A 861 -33.66 -5.05 24.88
CA GLU A 861 -33.49 -6.42 24.40
C GLU A 861 -33.86 -6.62 22.93
N LYS A 862 -33.41 -5.70 22.08
CA LYS A 862 -33.79 -5.67 20.67
C LYS A 862 -32.60 -5.31 19.78
N VAL A 863 -32.52 -5.95 18.62
CA VAL A 863 -31.63 -5.51 17.55
C VAL A 863 -32.52 -5.48 16.31
N SER A 864 -32.49 -4.38 15.57
CA SER A 864 -33.27 -4.28 14.35
C SER A 864 -32.33 -4.17 13.16
N VAL A 865 -32.67 -4.88 12.09
CA VAL A 865 -31.90 -4.82 10.84
C VAL A 865 -32.85 -4.38 9.72
N ASP A 866 -32.46 -3.31 9.05
CA ASP A 866 -33.21 -2.80 7.92
C ASP A 866 -32.51 -3.29 6.66
N LEU A 867 -33.12 -4.29 6.04
CA LEU A 867 -32.57 -4.91 4.85
C LEU A 867 -33.22 -4.29 3.60
N PRO A 868 -32.40 -3.82 2.63
CA PRO A 868 -33.00 -3.24 1.44
C PRO A 868 -33.48 -4.37 0.53
N ALA A 869 -34.11 -4.03 -0.61
CA ALA A 869 -34.41 -5.01 -1.64
C ALA A 869 -33.11 -5.75 -2.01
N MET A 870 -33.19 -7.08 -2.12
CA MET A 870 -32.03 -7.92 -2.49
C MET A 870 -32.44 -8.87 -3.61
N ALA A 871 -31.46 -9.31 -4.39
CA ALA A 871 -31.71 -10.26 -5.46
C ALA A 871 -31.52 -11.70 -4.98
N ASP A 872 -30.98 -11.86 -3.77
CA ASP A 872 -30.66 -13.17 -3.21
C ASP A 872 -31.28 -13.32 -1.84
N GLU A 873 -31.53 -14.57 -1.46
CA GLU A 873 -31.74 -14.94 -0.05
C GLU A 873 -30.56 -14.39 0.77
N THR A 874 -30.85 -13.91 1.97
CA THR A 874 -29.80 -13.37 2.82
C THR A 874 -29.84 -14.04 4.19
N THR A 875 -28.67 -14.22 4.79
CA THR A 875 -28.57 -14.72 6.15
C THR A 875 -27.83 -13.70 6.99
N MET A 876 -28.47 -13.19 8.04
CA MET A 876 -27.75 -12.38 9.02
C MET A 876 -27.09 -13.33 10.04
N GLN A 877 -25.87 -13.02 10.44
CA GLN A 877 -25.29 -13.64 11.62
C GLN A 877 -25.02 -12.54 12.64
N VAL A 878 -25.91 -12.44 13.62
CA VAL A 878 -25.87 -11.34 14.59
C VAL A 878 -25.23 -11.81 15.88
N PHE A 879 -24.19 -11.09 16.33
CA PHE A 879 -23.51 -11.40 17.60
C PHE A 879 -24.43 -10.96 18.74
N SER A 880 -24.96 -11.92 19.50
CA SER A 880 -25.92 -11.63 20.58
C SER A 880 -26.23 -12.89 21.35
N THR A 881 -26.95 -12.74 22.46
CA THR A 881 -27.52 -13.92 23.11
C THR A 881 -28.71 -14.44 22.28
N GLU A 882 -29.25 -15.58 22.69
CA GLU A 882 -30.34 -16.23 21.94
C GLU A 882 -31.66 -15.47 21.99
N PRO A 883 -32.23 -15.13 20.82
CA PRO A 883 -33.55 -14.45 20.82
C PRO A 883 -34.67 -15.29 21.39
N THR A 884 -35.72 -14.61 21.84
CA THR A 884 -36.97 -15.27 22.21
C THR A 884 -37.91 -15.37 21.01
N SER A 885 -37.75 -14.44 20.06
CA SER A 885 -38.42 -14.51 18.76
C SER A 885 -37.70 -13.64 17.76
N VAL A 886 -37.96 -13.89 16.47
CA VAL A 886 -37.44 -13.04 15.39
C VAL A 886 -38.60 -12.77 14.46
N THR A 887 -38.77 -11.51 14.07
CA THR A 887 -39.81 -11.14 13.10
C THR A 887 -39.18 -10.53 11.85
N ILE A 888 -39.89 -10.69 10.74
CA ILE A 888 -39.55 -10.00 9.51
C ILE A 888 -40.84 -9.35 9.06
N ASP A 889 -40.80 -8.02 8.92
CA ASP A 889 -42.00 -7.21 8.62
C ASP A 889 -43.14 -7.45 9.62
N GLY A 890 -42.77 -7.68 10.88
CA GLY A 890 -43.72 -7.91 11.97
C GLY A 890 -44.17 -9.35 12.15
N ALA A 891 -43.91 -10.18 11.14
CA ALA A 891 -44.36 -11.58 11.13
C ALA A 891 -43.28 -12.48 11.70
N ASP A 892 -43.67 -13.33 12.64
CA ASP A 892 -42.74 -14.28 13.29
C ASP A 892 -42.14 -15.24 12.27
N VAL A 893 -40.83 -15.41 12.33
CA VAL A 893 -40.17 -16.44 11.53
C VAL A 893 -39.78 -17.63 12.41
N ALA A 894 -39.79 -18.82 11.81
CA ALA A 894 -39.73 -20.06 12.59
C ALA A 894 -38.33 -20.35 13.10
N LYS A 895 -38.25 -20.71 14.38
CA LYS A 895 -37.02 -21.19 14.96
C LYS A 895 -36.62 -22.53 14.32
N ALA A 896 -35.39 -22.59 13.81
CA ALA A 896 -34.82 -23.85 13.36
C ALA A 896 -33.97 -24.45 14.46
N ASP A 897 -34.26 -25.70 14.81
CA ASP A 897 -33.54 -26.37 15.90
C ASP A 897 -32.15 -26.86 15.49
N THR A 898 -31.95 -27.14 14.20
CA THR A 898 -30.65 -27.59 13.67
C THR A 898 -30.24 -26.77 12.48
N LEU A 899 -28.94 -26.74 12.22
CA LEU A 899 -28.42 -26.18 10.98
C LEU A 899 -29.08 -26.77 9.70
N ASP A 900 -29.36 -28.07 9.72
CA ASP A 900 -30.09 -28.74 8.61
C ASP A 900 -31.45 -28.10 8.32
N ALA A 901 -32.24 -27.90 9.39
CA ALA A 901 -33.57 -27.31 9.29
C ALA A 901 -33.49 -25.88 8.79
N PHE A 902 -32.51 -25.15 9.31
CA PHE A 902 -32.22 -23.80 8.87
C PHE A 902 -31.94 -23.71 7.39
N ASN A 903 -31.10 -24.62 6.90
CA ASN A 903 -30.76 -24.66 5.48
C ASN A 903 -31.97 -24.96 4.58
N GLU A 904 -32.83 -25.87 5.04
CA GLU A 904 -34.06 -26.23 4.32
C GLU A 904 -35.16 -25.16 4.32
N ALA A 905 -35.20 -24.33 5.37
CA ALA A 905 -36.18 -23.24 5.52
C ALA A 905 -36.10 -22.14 4.46
N THR A 906 -37.25 -21.59 4.09
CA THR A 906 -37.33 -20.38 3.22
C THR A 906 -36.97 -19.10 3.98
N THR A 907 -37.49 -19.00 5.20
CA THR A 907 -37.12 -17.94 6.15
C THR A 907 -37.03 -18.65 7.49
N GLY A 908 -36.32 -18.05 8.43
CA GLY A 908 -36.27 -18.60 9.79
C GLY A 908 -35.08 -18.08 10.55
N TYR A 909 -34.89 -18.58 11.77
CA TYR A 909 -33.70 -18.24 12.56
C TYR A 909 -33.12 -19.45 13.28
N TYR A 910 -31.82 -19.37 13.60
CA TYR A 910 -31.09 -20.44 14.26
C TYR A 910 -30.06 -19.80 15.18
N TYR A 911 -29.76 -20.44 16.30
CA TYR A 911 -28.76 -19.88 17.22
C TYR A 911 -27.55 -20.80 17.34
N ASP A 912 -26.38 -20.28 16.97
CA ASP A 912 -25.11 -20.98 17.07
C ASP A 912 -24.57 -20.70 18.48
N THR A 913 -24.67 -21.68 19.38
CA THR A 913 -24.22 -21.50 20.77
C THR A 913 -22.69 -21.38 20.94
N VAL A 914 -21.93 -21.92 19.99
CA VAL A 914 -20.46 -21.92 20.05
C VAL A 914 -19.92 -20.53 19.75
N GLN A 915 -20.52 -19.88 18.77
CA GLN A 915 -20.10 -18.57 18.26
C GLN A 915 -20.90 -17.42 18.85
N ASN A 916 -22.00 -17.75 19.55
CA ASN A 916 -22.97 -16.76 20.03
C ASN A 916 -23.47 -15.87 18.89
N LEU A 917 -23.87 -16.52 17.81
CA LEU A 917 -24.43 -15.82 16.65
C LEU A 917 -25.85 -16.29 16.39
N THR A 918 -26.74 -15.32 16.21
CA THR A 918 -28.10 -15.57 15.73
C THR A 918 -28.15 -15.50 14.20
N TYR A 919 -28.53 -16.61 13.57
CA TYR A 919 -28.70 -16.64 12.11
C TYR A 919 -30.13 -16.26 11.80
N VAL A 920 -30.34 -15.36 10.83
CA VAL A 920 -31.69 -14.99 10.37
C VAL A 920 -31.74 -15.06 8.84
N LYS A 921 -32.58 -15.94 8.31
CA LYS A 921 -32.75 -16.07 6.87
C LYS A 921 -33.96 -15.26 6.42
N ALA A 922 -33.73 -14.35 5.48
CA ALA A 922 -34.79 -13.58 4.81
C ALA A 922 -34.81 -13.97 3.34
N ALA A 923 -36.02 -14.17 2.81
CA ALA A 923 -36.19 -14.48 1.40
C ALA A 923 -35.79 -13.30 0.52
N ALA A 924 -35.43 -13.55 -0.74
CA ALA A 924 -35.20 -12.49 -1.71
C ALA A 924 -36.53 -11.78 -1.98
N LYS A 925 -36.53 -10.46 -1.84
CA LYS A 925 -37.74 -9.63 -2.11
C LYS A 925 -37.33 -8.33 -2.77
N ASP A 926 -38.17 -7.85 -3.67
CA ASP A 926 -37.94 -6.57 -4.33
C ASP A 926 -38.48 -5.37 -3.50
N ALA A 927 -38.37 -5.50 -2.18
CA ALA A 927 -38.84 -4.51 -1.24
C ALA A 927 -37.97 -4.57 -0.01
N LYS A 928 -37.94 -3.47 0.75
CA LYS A 928 -37.25 -3.41 2.04
C LYS A 928 -37.91 -4.39 3.03
N GLN A 929 -37.09 -4.97 3.90
CA GLN A 929 -37.59 -5.89 4.93
C GLN A 929 -37.06 -5.48 6.28
N ALA A 930 -37.96 -5.42 7.27
CA ALA A 930 -37.61 -5.01 8.62
C ALA A 930 -37.45 -6.22 9.53
N ILE A 931 -36.21 -6.53 9.90
CA ILE A 931 -35.90 -7.71 10.73
C ILE A 931 -35.73 -7.23 12.16
N VAL A 932 -36.42 -7.88 13.10
CA VAL A 932 -36.24 -7.56 14.52
C VAL A 932 -35.92 -8.82 15.30
N LEU A 933 -34.82 -8.77 16.06
CA LEU A 933 -34.49 -9.82 17.03
C LEU A 933 -34.97 -9.37 18.39
N ASN A 934 -35.83 -10.17 19.02
CA ASN A 934 -36.39 -9.85 20.35
C ASN A 934 -35.79 -10.69 21.45
N GLY A 935 -35.72 -10.10 22.64
CA GLY A 935 -35.21 -10.80 23.81
C GLY A 935 -33.71 -11.05 23.80
N VAL A 936 -32.97 -10.25 23.04
CA VAL A 936 -31.51 -10.43 22.90
C VAL A 936 -30.71 -9.47 23.75
N ASN A 937 -29.59 -9.95 24.28
CA ASN A 937 -28.61 -9.09 24.92
C ASN A 937 -27.28 -9.15 24.23
N HIS A 938 -26.37 -8.24 24.60
CA HIS A 938 -24.98 -8.33 24.15
C HIS A 938 -24.48 -9.76 24.35
N ALA A 939 -23.69 -10.28 23.40
CA ALA A 939 -23.28 -11.67 23.47
C ALA A 939 -22.51 -11.96 24.77
N PRO A 940 -22.52 -13.24 25.23
CA PRO A 940 -21.86 -13.51 26.51
C PRO A 940 -20.35 -13.28 26.45
N TYR A 941 -19.78 -12.96 27.62
CA TYR A 941 -18.34 -13.01 27.86
C TYR A 941 -18.04 -14.41 28.39
N GLU A 942 -17.38 -15.23 27.57
CA GLU A 942 -17.16 -16.63 27.92
C GLU A 942 -16.10 -16.77 28.99
N ALA A 943 -16.42 -17.53 30.05
CA ALA A 943 -15.47 -17.74 31.13
C ALA A 943 -14.19 -18.41 30.65
N GLU A 944 -14.31 -19.30 29.67
CA GLU A 944 -13.18 -20.04 29.11
C GLU A 944 -12.19 -19.14 28.34
N PHE A 945 -12.65 -17.93 27.98
CA PHE A 945 -11.78 -16.92 27.35
C PHE A 945 -11.21 -15.91 28.34
N GLY A 946 -11.59 -16.04 29.61
CA GLY A 946 -11.13 -15.11 30.64
C GLY A 946 -9.66 -15.32 31.00
N HIS A 947 -9.13 -14.43 31.83
CA HIS A 947 -7.79 -14.58 32.39
C HIS A 947 -7.89 -15.51 33.60
N LEU A 948 -7.25 -16.66 33.50
CA LEU A 948 -7.44 -17.71 34.50
C LEU A 948 -6.25 -17.87 35.41
N THR A 949 -6.51 -18.03 36.70
CA THR A 949 -5.47 -18.27 37.71
C THR A 949 -5.77 -19.55 38.46
N ASN A 950 -4.86 -20.53 38.34
CA ASN A 950 -4.94 -21.85 39.02
C ASN A 950 -6.25 -22.60 38.75
N VAL A 951 -6.77 -22.43 37.54
CA VAL A 951 -8.05 -22.98 37.18
C VAL A 951 -8.04 -23.32 35.68
N THR A 952 -8.73 -24.38 35.30
CA THR A 952 -8.70 -24.87 33.90
C THR A 952 -10.11 -24.95 33.33
N THR A 953 -10.20 -25.32 32.06
CA THR A 953 -11.46 -25.38 31.36
C THR A 953 -11.87 -26.82 31.08
N ALA A 954 -13.16 -27.03 30.85
CA ALA A 954 -13.71 -28.33 30.46
C ALA A 954 -14.95 -28.18 29.56
N SER A 955 -15.41 -29.30 29.02
CA SER A 955 -16.58 -29.33 28.14
C SER A 955 -17.36 -30.62 28.28
N ASP A 956 -17.26 -31.24 29.46
CA ASP A 956 -17.82 -32.58 29.71
C ASP A 956 -19.23 -32.59 30.33
N HIS A 957 -19.88 -31.44 30.31
CA HIS A 957 -21.31 -31.32 30.62
C HIS A 957 -21.96 -30.43 29.56
N ALA A 958 -22.91 -31.01 28.83
CA ALA A 958 -23.62 -30.34 27.73
C ALA A 958 -24.37 -29.08 28.15
N GLY A 959 -24.53 -28.16 27.20
CA GLY A 959 -25.43 -27.01 27.36
C GLY A 959 -24.78 -25.66 27.55
N TYR A 960 -23.45 -25.64 27.66
CA TYR A 960 -22.67 -24.41 27.79
C TYR A 960 -22.70 -23.60 26.49
N THR A 961 -22.39 -22.32 26.60
CA THR A 961 -22.14 -21.50 25.44
C THR A 961 -20.61 -21.39 25.27
N GLY A 962 -20.22 -20.97 24.07
CA GLY A 962 -18.82 -20.92 23.68
C GLY A 962 -18.28 -22.33 23.49
N THR A 963 -17.02 -22.54 23.82
CA THR A 963 -16.38 -23.85 23.66
C THR A 963 -16.40 -24.72 24.92
N GLY A 964 -16.85 -24.15 26.03
CA GLY A 964 -16.92 -24.88 27.31
C GLY A 964 -17.20 -23.97 28.49
N PHE A 965 -16.51 -24.27 29.59
CA PHE A 965 -16.68 -23.60 30.88
C PHE A 965 -15.42 -23.75 31.72
N VAL A 966 -15.30 -22.94 32.75
CA VAL A 966 -14.24 -23.05 33.75
C VAL A 966 -14.71 -24.07 34.79
N ALA A 967 -13.90 -25.09 35.07
CA ALA A 967 -14.33 -26.24 35.89
C ALA A 967 -13.89 -26.20 37.36
N GLY A 968 -14.84 -26.43 38.28
CA GLY A 968 -14.52 -26.58 39.72
C GLY A 968 -14.34 -25.22 40.40
N PHE A 969 -13.19 -24.58 40.14
CA PHE A 969 -12.97 -23.20 40.54
C PHE A 969 -13.22 -23.06 42.06
N ASP A 970 -12.70 -24.02 42.82
CA ASP A 970 -13.15 -24.28 44.19
C ASP A 970 -12.07 -24.26 45.27
N ALA A 971 -10.96 -23.57 44.99
CA ALA A 971 -9.87 -23.45 45.96
C ALA A 971 -9.41 -22.01 46.03
N GLU A 972 -8.89 -21.61 47.18
CA GLU A 972 -8.33 -20.26 47.35
C GLU A 972 -7.23 -19.98 46.33
N LYS A 973 -7.09 -18.71 45.96
CA LYS A 973 -6.13 -18.22 44.95
C LYS A 973 -6.47 -18.64 43.50
N GLU A 974 -7.66 -19.21 43.32
CA GLU A 974 -8.20 -19.46 41.99
C GLU A 974 -9.07 -18.28 41.58
N ALA A 975 -8.90 -17.83 40.35
CA ALA A 975 -9.59 -16.64 39.84
C ALA A 975 -9.91 -16.71 38.34
N VAL A 976 -11.01 -16.06 37.96
CA VAL A 976 -11.38 -15.86 36.55
C VAL A 976 -11.56 -14.34 36.38
N GLU A 977 -10.77 -13.74 35.49
CA GLU A 977 -10.80 -12.29 35.27
C GLU A 977 -11.33 -11.98 33.88
N PHE A 978 -12.31 -11.07 33.82
CA PHE A 978 -12.95 -10.63 32.58
C PHE A 978 -12.61 -9.17 32.30
N ASP A 979 -12.56 -8.85 31.02
CA ASP A 979 -12.44 -7.48 30.54
C ASP A 979 -13.80 -7.16 29.96
N ILE A 980 -14.57 -6.30 30.64
CA ILE A 980 -15.96 -6.13 30.27
C ILE A 980 -16.30 -4.69 29.89
N ASP A 981 -17.00 -4.54 28.77
CA ASP A 981 -17.52 -3.23 28.39
C ASP A 981 -18.91 -2.94 28.95
N ALA A 982 -19.14 -1.67 29.28
CA ALA A 982 -20.49 -1.16 29.49
C ALA A 982 -21.22 -1.17 28.15
N VAL A 983 -22.47 -1.63 28.14
CA VAL A 983 -23.22 -1.74 26.88
C VAL A 983 -23.59 -0.34 26.34
N ASP A 984 -23.98 0.56 27.24
CA ASP A 984 -24.49 1.92 26.93
C ASP A 984 -23.94 2.97 27.87
N GLY A 985 -22.62 3.00 28.04
CA GLY A 985 -22.01 4.01 28.90
C GLY A 985 -22.07 3.70 30.38
N ALA A 986 -21.45 4.57 31.17
CA ALA A 986 -21.35 4.38 32.61
C ALA A 986 -22.75 4.31 33.22
N SER A 987 -23.01 3.24 33.96
CA SER A 987 -24.35 2.98 34.48
C SER A 987 -24.30 1.77 35.40
N ASP A 988 -25.37 1.61 36.19
CA ASP A 988 -25.63 0.31 36.79
C ASP A 988 -26.09 -0.66 35.71
N TYR A 989 -25.72 -1.94 35.85
CA TYR A 989 -26.15 -3.01 34.94
C TYR A 989 -26.47 -4.25 35.76
N THR A 990 -27.11 -5.21 35.11
CA THR A 990 -27.26 -6.55 35.67
C THR A 990 -26.25 -7.47 35.01
N MET A 991 -25.43 -8.12 35.83
CA MET A 991 -24.54 -9.16 35.33
C MET A 991 -25.15 -10.54 35.57
N GLU A 992 -25.51 -11.24 34.48
CA GLU A 992 -25.95 -12.63 34.57
C GLU A 992 -24.73 -13.53 34.70
N VAL A 993 -24.75 -14.42 35.68
CA VAL A 993 -23.68 -15.40 35.89
C VAL A 993 -24.29 -16.78 35.65
N ARG A 994 -23.84 -17.45 34.58
CA ARG A 994 -24.33 -18.77 34.22
C ARG A 994 -23.34 -19.84 34.66
N TYR A 995 -23.85 -20.81 35.44
CA TYR A 995 -22.99 -21.74 36.15
C TYR A 995 -23.75 -23.03 36.40
N SER A 996 -23.02 -24.05 36.82
CA SER A 996 -23.66 -25.23 37.38
C SER A 996 -23.05 -25.52 38.76
N ALA A 997 -23.88 -26.02 39.68
CA ALA A 997 -23.43 -26.33 41.03
C ALA A 997 -24.18 -27.59 41.43
N GLY A 998 -23.69 -28.71 40.93
CA GLY A 998 -24.36 -30.01 41.04
C GLY A 998 -24.43 -30.64 42.41
N VAL A 999 -23.58 -30.21 43.35
CA VAL A 999 -23.53 -30.85 44.68
C VAL A 999 -24.25 -30.03 45.76
N GLU A 1000 -24.02 -28.71 45.78
CA GLU A 1000 -24.44 -27.85 46.90
C GLU A 1000 -24.36 -26.36 46.53
N ASP A 1001 -25.07 -25.52 47.29
CA ASP A 1001 -24.97 -24.04 47.19
C ASP A 1001 -23.51 -23.59 47.22
N ALA A 1002 -23.19 -22.64 46.36
CA ALA A 1002 -21.84 -22.11 46.29
C ALA A 1002 -21.85 -20.61 46.51
N THR A 1003 -20.70 -20.07 46.89
CA THR A 1003 -20.46 -18.62 46.85
C THR A 1003 -19.14 -18.30 46.18
N ARG A 1004 -19.10 -17.17 45.48
CA ARG A 1004 -17.87 -16.60 44.93
C ARG A 1004 -17.79 -15.11 45.23
N THR A 1005 -16.58 -14.58 45.20
CA THR A 1005 -16.35 -13.16 45.48
C THR A 1005 -16.06 -12.51 44.14
N VAL A 1006 -16.67 -11.34 43.92
CA VAL A 1006 -16.50 -10.60 42.67
C VAL A 1006 -15.94 -9.22 43.00
N TYR A 1007 -14.99 -8.76 42.17
CA TYR A 1007 -14.47 -7.39 42.25
C TYR A 1007 -14.79 -6.71 40.94
N ILE A 1008 -15.43 -5.56 41.02
CA ILE A 1008 -15.76 -4.76 39.84
C ILE A 1008 -14.94 -3.50 39.95
N ASN A 1009 -13.90 -3.39 39.10
CA ASN A 1009 -12.95 -2.29 39.21
C ASN A 1009 -12.51 -2.06 40.66
N GLY A 1010 -12.21 -3.16 41.35
CA GLY A 1010 -11.71 -3.13 42.74
C GLY A 1010 -12.75 -3.18 43.86
N LYS A 1011 -14.03 -3.07 43.50
CA LYS A 1011 -15.12 -3.01 44.50
C LYS A 1011 -15.68 -4.42 44.68
N LYS A 1012 -15.59 -4.92 45.92
CA LYS A 1012 -15.89 -6.32 46.25
C LYS A 1012 -17.37 -6.56 46.57
N GLN A 1013 -17.89 -7.68 46.12
CA GLN A 1013 -19.16 -8.20 46.67
C GLN A 1013 -19.11 -9.71 46.63
N GLN A 1014 -19.93 -10.35 47.46
CA GLN A 1014 -20.05 -11.80 47.44
C GLN A 1014 -21.37 -12.21 46.80
N ILE A 1015 -21.33 -13.24 45.97
CA ILE A 1015 -22.52 -13.69 45.25
C ILE A 1015 -22.86 -15.12 45.66
N THR A 1016 -24.15 -15.40 45.67
CA THR A 1016 -24.68 -16.71 46.05
C THR A 1016 -25.14 -17.43 44.80
N LEU A 1017 -24.67 -18.65 44.66
CA LEU A 1017 -24.96 -19.45 43.50
C LEU A 1017 -25.63 -20.74 43.98
N PRO A 1018 -26.98 -20.76 44.03
CA PRO A 1018 -27.71 -21.94 44.54
C PRO A 1018 -27.40 -23.24 43.81
N LYS A 1019 -27.52 -24.36 44.53
CA LYS A 1019 -27.36 -25.70 43.96
C LYS A 1019 -28.24 -25.86 42.72
N THR A 1020 -27.68 -26.49 41.69
CA THR A 1020 -28.45 -26.96 40.53
C THR A 1020 -28.77 -28.44 40.72
N ALA A 1021 -29.80 -28.93 40.05
CA ALA A 1021 -30.23 -30.35 40.13
C ALA A 1021 -29.09 -31.37 40.02
N ASN A 1022 -28.20 -31.11 39.07
CA ASN A 1022 -27.02 -31.93 38.79
C ASN A 1022 -26.04 -31.10 37.97
N TRP A 1023 -24.90 -31.72 37.58
CA TRP A 1023 -23.89 -31.04 36.79
C TRP A 1023 -24.27 -30.83 35.31
N ASP A 1024 -25.36 -31.46 34.88
CA ASP A 1024 -25.88 -31.24 33.53
C ASP A 1024 -27.00 -30.18 33.51
N THR A 1025 -27.17 -29.47 34.63
CA THR A 1025 -28.17 -28.40 34.75
C THR A 1025 -27.49 -27.07 35.02
N TRP A 1026 -27.75 -26.10 34.14
CA TRP A 1026 -27.21 -24.74 34.26
C TRP A 1026 -28.26 -23.81 34.87
N ASN A 1027 -27.80 -22.82 35.63
CA ASN A 1027 -28.66 -21.79 36.19
C ASN A 1027 -28.00 -20.45 35.97
N THR A 1028 -28.80 -19.39 36.00
CA THR A 1028 -28.30 -18.03 35.90
C THR A 1028 -28.72 -17.23 37.14
N VAL A 1029 -27.75 -16.53 37.74
CA VAL A 1029 -27.98 -15.64 38.88
C VAL A 1029 -27.70 -14.23 38.39
N GLU A 1030 -28.53 -13.28 38.82
CA GLU A 1030 -28.42 -11.89 38.40
C GLU A 1030 -27.73 -11.08 39.50
N VAL A 1031 -26.63 -10.43 39.15
CA VAL A 1031 -25.78 -9.70 40.10
C VAL A 1031 -25.78 -8.21 39.71
N PRO A 1032 -26.14 -7.30 40.66
CA PRO A 1032 -26.06 -5.86 40.37
C PRO A 1032 -24.62 -5.38 40.35
N VAL A 1033 -24.24 -4.70 39.26
CA VAL A 1033 -22.89 -4.16 39.09
C VAL A 1033 -22.98 -2.71 38.61
N THR A 1034 -21.91 -1.96 38.82
CA THR A 1034 -21.81 -0.59 38.33
C THR A 1034 -20.62 -0.58 37.40
N LEU A 1035 -20.87 -0.24 36.14
CA LEU A 1035 -19.81 -0.24 35.12
C LEU A 1035 -19.52 1.16 34.64
N GLN A 1036 -18.24 1.41 34.37
CA GLN A 1036 -17.84 2.70 33.83
C GLN A 1036 -17.52 2.60 32.35
N ALA A 1037 -17.17 3.74 31.74
CA ALA A 1037 -16.61 3.75 30.37
C ALA A 1037 -15.27 3.00 30.27
N GLY A 1038 -15.05 2.41 29.11
CA GLY A 1038 -13.81 1.69 28.82
C GLY A 1038 -13.89 0.26 29.31
N ASN A 1039 -12.71 -0.29 29.56
CA ASN A 1039 -12.56 -1.65 29.99
C ASN A 1039 -12.83 -1.74 31.51
N ASN A 1040 -13.81 -2.55 31.89
CA ASN A 1040 -14.08 -2.76 33.31
C ASN A 1040 -13.43 -4.06 33.73
N GLN A 1041 -12.66 -4.01 34.82
CA GLN A 1041 -11.99 -5.20 35.32
C GLN A 1041 -12.96 -5.94 36.21
N VAL A 1042 -13.36 -7.15 35.79
CA VAL A 1042 -14.32 -7.95 36.56
C VAL A 1042 -13.64 -9.26 36.97
N VAL A 1043 -13.37 -9.40 38.27
CA VAL A 1043 -12.62 -10.56 38.78
C VAL A 1043 -13.51 -11.41 39.67
N PHE A 1044 -13.67 -12.66 39.30
CA PHE A 1044 -14.30 -13.65 40.16
C PHE A 1044 -13.17 -14.38 40.89
N ASP A 1045 -13.33 -14.50 42.21
CA ASP A 1045 -12.35 -15.10 43.11
C ASP A 1045 -13.00 -16.20 43.94
N PHE A 1046 -12.22 -17.20 44.35
CA PHE A 1046 -12.62 -18.08 45.44
C PHE A 1046 -11.77 -17.69 46.63
N GLU A 1047 -12.38 -17.08 47.63
CA GLU A 1047 -11.64 -16.65 48.80
C GLU A 1047 -11.93 -17.53 50.00
N ALA A 1048 -11.32 -17.22 51.14
CA ALA A 1048 -11.42 -18.05 52.34
C ALA A 1048 -12.87 -18.24 52.83
N ASP A 1049 -13.70 -17.22 52.68
CA ASP A 1049 -15.11 -17.31 53.07
C ASP A 1049 -16.05 -17.76 51.92
N ASP A 1050 -15.46 -18.33 50.86
CA ASP A 1050 -16.24 -18.91 49.78
C ASP A 1050 -16.36 -20.41 49.91
N THR A 1051 -17.30 -20.99 49.18
CA THR A 1051 -17.59 -22.41 49.32
C THR A 1051 -18.04 -23.09 48.03
N ALA A 1052 -17.68 -24.37 47.92
CA ALA A 1052 -18.21 -25.32 46.94
C ALA A 1052 -17.71 -25.13 45.51
N GLY A 1053 -17.69 -26.24 44.78
CA GLY A 1053 -17.31 -26.24 43.38
C GLY A 1053 -18.45 -25.81 42.48
N ILE A 1054 -18.10 -25.10 41.40
CA ILE A 1054 -19.04 -24.72 40.36
C ILE A 1054 -18.39 -24.97 39.00
N ASN A 1055 -19.22 -25.12 37.97
CA ASN A 1055 -18.74 -24.95 36.59
C ASN A 1055 -19.25 -23.60 36.12
N PHE A 1056 -18.35 -22.81 35.55
CA PHE A 1056 -18.64 -21.40 35.26
C PHE A 1056 -18.65 -21.20 33.74
N ASP A 1057 -19.84 -21.00 33.18
CA ASP A 1057 -20.01 -20.94 31.72
C ASP A 1057 -19.63 -19.57 31.11
N HIS A 1058 -20.28 -18.52 31.58
CA HIS A 1058 -20.17 -17.19 30.98
C HIS A 1058 -20.81 -16.15 31.87
N VAL A 1059 -20.56 -14.88 31.54
CA VAL A 1059 -21.38 -13.77 32.05
C VAL A 1059 -22.03 -13.00 30.91
N VAL A 1060 -23.22 -12.47 31.18
CA VAL A 1060 -23.93 -11.59 30.25
C VAL A 1060 -24.18 -10.27 30.96
N ILE A 1061 -23.92 -9.15 30.28
CA ILE A 1061 -24.23 -7.83 30.82
C ILE A 1061 -25.53 -7.36 30.17
N LYS A 1062 -26.52 -7.00 31.00
CA LYS A 1062 -27.77 -6.50 30.50
C LYS A 1062 -28.24 -5.31 31.33
N LYS A 1063 -29.34 -4.69 30.90
CA LYS A 1063 -29.89 -3.54 31.60
C LYS A 1063 -30.00 -3.81 33.10
C1 GLC B . -4.28 -21.72 25.51
C2 GLC B . -5.75 -22.09 25.85
C3 GLC B . -6.77 -21.22 25.10
C4 GLC B . -6.42 -19.77 25.47
C5 GLC B . -4.99 -19.39 25.03
C6 GLC B . -4.35 -18.43 26.05
O1 GLC B . -3.59 -22.81 24.86
O2 GLC B . -6.00 -23.49 25.73
O3 GLC B . -8.11 -21.72 25.42
O4 GLC B . -7.32 -18.80 24.92
O5 GLC B . -4.15 -20.53 24.72
O6 GLC B . -3.32 -18.99 26.86
C1 GLC B . -9.36 -21.00 25.17
C2 GLC B . -10.52 -21.98 24.96
C3 GLC B . -10.48 -22.60 23.56
C4 GLC B . -10.45 -21.52 22.47
C5 GLC B . -9.32 -20.54 22.77
C6 GLC B . -9.29 -19.37 21.81
O2 GLC B . -10.50 -23.00 25.97
O3 GLC B . -11.63 -23.41 23.35
O4 GLC B . -10.23 -22.13 21.18
O5 GLC B . -9.42 -20.02 24.12
O6 GLC B . -8.16 -18.60 22.21
C1 GLC B . -7.90 -17.54 21.27
C2 GLC B . -6.55 -16.90 21.59
C3 GLC B . -6.68 -16.09 22.89
C4 GLC B . -7.84 -15.10 22.80
C5 GLC B . -9.15 -15.86 22.49
C6 GLC B . -10.40 -15.00 22.35
O2 GLC B . -5.57 -17.93 21.75
O3 GLC B . -5.44 -15.44 23.20
O4 GLC B . -7.99 -14.36 24.02
O5 GLC B . -8.94 -16.56 21.25
O6 GLC B . -10.18 -14.02 21.34
C1 GLC B . -3.21 -18.37 28.17
C2 GLC B . -3.28 -19.43 29.29
C3 GLC B . -4.47 -19.20 30.23
C4 GLC B . -4.43 -17.79 30.81
C5 GLC B . -4.23 -16.68 29.76
C6 GLC B . -3.07 -15.76 30.16
O2 GLC B . -3.33 -20.77 28.77
O3 GLC B . -4.44 -20.15 31.30
O4 GLC B . -5.65 -17.54 31.52
O5 GLC B . -4.07 -17.21 28.41
O6 GLC B . -3.06 -14.57 29.37
C1 GLC C . 16.43 -19.28 -33.97
C2 GLC C . 16.83 -20.74 -34.29
C3 GLC C . 15.75 -21.53 -35.08
C4 GLC C . 14.35 -21.32 -34.49
C5 GLC C . 14.14 -19.80 -34.50
C6 GLC C . 12.69 -19.36 -34.32
O1 GLC C . 16.70 -18.39 -35.06
O2 GLC C . 18.05 -20.75 -35.04
O3 GLC C . 16.06 -22.93 -35.07
O4 GLC C . 13.37 -21.97 -35.30
O5 GLC C . 15.04 -19.17 -33.57
O6 GLC C . 12.29 -19.14 -35.68
C1 GLC C . 11.62 -17.88 -35.92
C2 GLC C . 11.22 -17.76 -37.39
C3 GLC C . 12.42 -17.40 -38.27
C4 GLC C . 13.15 -16.17 -37.73
C5 GLC C . 13.50 -16.33 -36.25
C6 GLC C . 14.04 -15.03 -35.67
O2 GLC C . 10.64 -18.99 -37.85
O3 GLC C . 11.99 -17.14 -39.60
O4 GLC C . 14.35 -15.96 -38.49
O5 GLC C . 12.34 -16.70 -35.49
O6 GLC C . 13.03 -14.01 -35.76
C1 GLC D . -17.91 -33.07 39.25
C2 GLC D . -18.32 -32.48 37.89
C3 GLC D . -17.33 -31.39 37.43
C4 GLC D . -17.14 -30.32 38.50
C5 GLC D . -16.68 -31.01 39.79
C6 GLC D . -16.45 -30.04 40.94
O1 GLC D . -16.77 -33.93 39.13
O2 GLC D . -18.38 -33.51 36.89
O3 GLC D . -17.80 -30.84 36.20
O4 GLC D . -16.17 -29.36 38.06
O5 GLC D . -17.66 -32.00 40.19
O6 GLC D . -16.00 -30.83 42.04
C1 GLC D . -15.67 -30.01 43.18
C2 GLC D . -14.86 -30.83 44.20
C3 GLC D . -15.74 -31.90 44.86
C4 GLC D . -17.02 -31.29 45.45
C5 GLC D . -17.73 -30.37 44.45
C6 GLC D . -18.85 -29.54 45.08
O2 GLC D . -13.72 -31.41 43.54
O3 GLC D . -15.00 -32.60 45.87
O4 GLC D . -17.92 -32.33 45.87
O5 GLC D . -16.80 -29.45 43.85
O6 GLC D . -18.34 -28.66 46.07
C1 GLC E . 38.34 0.73 -24.87
C2 GLC E . 38.58 1.49 -23.55
C3 GLC E . 37.26 2.00 -22.95
C4 GLC E . 36.48 2.86 -23.96
C5 GLC E . 36.28 2.08 -25.27
C6 GLC E . 35.68 2.95 -26.37
O1 GLC E . 37.74 -0.56 -24.63
O2 GLC E . 39.29 0.65 -22.62
O3 GLC E . 37.52 2.77 -21.77
O4 GLC E . 35.22 3.20 -23.38
O5 GLC E . 37.51 1.50 -25.77
O6 GLC E . 35.03 2.11 -27.31
C1 GLC E . 35.13 4.61 -23.06
C2 GLC E . 34.44 4.79 -21.70
C3 GLC E . 32.95 4.40 -21.84
C4 GLC E . 32.27 5.23 -22.93
C5 GLC E . 33.03 5.14 -24.25
C6 GLC E . 32.50 6.14 -25.29
O2 GLC E . 35.11 4.00 -20.72
O3 GLC E . 32.25 4.54 -20.60
O4 GLC E . 30.92 4.77 -23.08
O5 GLC E . 34.45 5.39 -24.08
O6 GLC E . 32.74 5.64 -26.61
C1 GLC F . 17.32 -9.26 -11.64
C2 GLC F . 16.41 -8.14 -12.19
C3 GLC F . 14.99 -8.26 -11.63
C4 GLC F . 14.38 -9.63 -11.95
C5 GLC F . 15.34 -10.71 -11.40
C6 GLC F . 14.91 -12.13 -11.74
O1 GLC F . 17.61 -9.04 -10.26
O2 GLC F . 16.97 -6.88 -11.84
O3 GLC F . 14.19 -7.18 -12.14
O4 GLC F . 13.08 -9.81 -11.32
O5 GLC F . 16.72 -10.56 -11.82
O6 GLC F . 14.42 -12.64 -10.51
C1 GLC F . 11.92 -9.54 -12.14
C2 GLC F . 10.63 -9.63 -11.28
C3 GLC F . 10.31 -11.07 -10.83
C4 GLC F . 10.29 -12.02 -12.04
C5 GLC F . 11.49 -11.78 -12.97
C6 GLC F . 11.43 -12.58 -14.26
O2 GLC F . 10.69 -8.68 -10.21
O3 GLC F . 9.03 -11.13 -10.17
O4 GLC F . 10.28 -13.38 -11.59
O5 GLC F . 11.71 -10.39 -13.29
O6 GLC F . 12.71 -12.39 -14.90
C1 GLC F . 13.23 -13.64 -15.40
C2 GLC F . 14.63 -13.44 -15.99
C3 GLC F . 14.56 -12.76 -17.36
C4 GLC F . 13.60 -13.48 -18.29
C5 GLC F . 12.23 -13.55 -17.61
C6 GLC F . 11.13 -14.19 -18.45
O2 GLC F . 15.40 -12.61 -15.11
O3 GLC F . 15.87 -12.69 -17.94
O4 GLC F . 13.52 -12.77 -19.54
O5 GLC F . 12.36 -14.27 -16.37
O6 GLC F . 11.40 -15.59 -18.59
MG MG G . -18.74 -20.98 28.03
MG MG H . -12.15 16.44 -0.09
MG MG I . -19.00 -17.27 -5.92
MG MG J . 9.28 -25.57 -16.50
MG MG K . -26.64 -18.65 -3.78
#